data_6I8D
#
_entry.id   6I8D
#
_cell.length_a   85.250
_cell.length_b   88.161
_cell.length_c   98.498
_cell.angle_alpha   90.00
_cell.angle_beta   90.00
_cell.angle_gamma   90.00
#
_symmetry.space_group_name_H-M   'P 21 21 21'
#
loop_
_entity.id
_entity.type
_entity.pdbx_description
1 polymer EH1AB1
2 non-polymer 'butoxy(hexyl)phosphinic acid'
3 non-polymer DI(HYDROXYETHYL)ETHER
4 non-polymer GLYCEROL
5 water water
#
_entity_poly.entity_id   1
_entity_poly.type   'polypeptide(L)'
_entity_poly.pdbx_seq_one_letter_code
;MAHHHHHHVDDDDKMLLPETRNLLDLMDAATRGGRPGLDTLPHAVGRKAVDKMSEDGEADPPEVAEVANGGFAGPASEIR
FRRYRPLGEAAGLLPTLIYYHGGGFVIGNIETHDSTCRRLANKSRCQVISIDYRLAPEHPFPAPIDDGIAAFRHIRDNAE
SFGADAARLAVGGDSAGGAMAAVVCQACRDAGETGPAFQMLIYPATDSSRESASRVAFAEGYFLSKAHMDWFWEAYVPED
TDLTDLRLSPLLATDFTGLPPAFVLTAGYDPLRDEGRAYADRLIEAGIKTTYVNYPGTIHGFFSLTRFLSQGLKANDEAA
AVMGAHFGT
;
_entity_poly.pdbx_strand_id   A,B
#
loop_
_chem_comp.id
_chem_comp.type
_chem_comp.name
_chem_comp.formula
GOL non-polymer GLYCEROL 'C3 H8 O3'
H7N non-polymer 'butoxy(hexyl)phosphinic acid' 'C10 H23 O3 P'
PEG non-polymer DI(HYDROXYETHYL)ETHER 'C4 H10 O3'
#
# COMPACT_ATOMS: atom_id res chain seq x y z
N MET A 15 -3.54 -24.13 4.02
CA MET A 15 -3.28 -23.02 5.00
C MET A 15 -2.11 -22.15 4.52
N LEU A 16 -0.98 -22.79 4.15
CA LEU A 16 0.23 -22.13 3.63
C LEU A 16 0.21 -22.12 2.11
N LEU A 17 1.09 -21.34 1.48
CA LEU A 17 1.31 -21.41 0.04
C LEU A 17 2.13 -22.65 -0.31
N PRO A 18 1.95 -23.24 -1.51
CA PRO A 18 2.82 -24.29 -2.02
C PRO A 18 4.32 -23.94 -1.94
N GLU A 19 4.71 -22.76 -2.48
CA GLU A 19 6.13 -22.33 -2.53
C GLU A 19 6.69 -22.22 -1.12
N THR A 20 5.84 -21.80 -0.17
CA THR A 20 6.22 -21.60 1.23
C THR A 20 6.39 -22.95 1.91
N ARG A 21 5.44 -23.86 1.68
CA ARG A 21 5.41 -25.20 2.28
C ARG A 21 6.62 -26.00 1.78
N ASN A 22 6.92 -25.81 0.50
CA ASN A 22 7.99 -26.47 -0.20
C ASN A 22 9.32 -26.21 0.53
N LEU A 23 9.62 -24.93 0.73
CA LEU A 23 10.87 -24.49 1.35
C LEU A 23 10.96 -25.00 2.79
N LEU A 24 9.82 -25.02 3.49
CA LEU A 24 9.81 -25.39 4.91
C LEU A 24 10.26 -26.83 5.06
N ASP A 25 9.83 -27.70 4.15
CA ASP A 25 10.21 -29.11 4.29
C ASP A 25 11.71 -29.26 4.01
N LEU A 26 12.27 -28.51 3.05
CA LEU A 26 13.71 -28.61 2.77
C LEU A 26 14.51 -28.30 4.02
N MET A 27 14.19 -27.17 4.65
CA MET A 27 14.84 -26.81 5.92
C MET A 27 14.70 -27.97 6.93
N ASP A 28 13.56 -28.67 6.86
CA ASP A 28 13.26 -29.81 7.73
C ASP A 28 14.09 -31.03 7.33
N ALA A 29 14.45 -31.15 6.04
CA ALA A 29 15.34 -32.22 5.55
C ALA A 29 16.70 -32.15 6.26
N ALA A 30 17.35 -30.98 6.21
CA ALA A 30 18.68 -30.76 6.79
C ALA A 30 18.66 -31.03 8.31
N THR A 31 17.62 -30.56 9.01
CA THR A 31 17.57 -30.55 10.48
C THR A 31 17.89 -31.93 11.07
N ARG A 32 17.19 -32.96 10.60
CA ARG A 32 17.46 -34.34 11.05
C ARG A 32 18.35 -35.04 10.01
N GLY A 33 18.16 -34.73 8.72
CA GLY A 33 18.88 -35.36 7.61
C GLY A 33 20.40 -35.27 7.74
N GLY A 34 20.88 -34.06 8.04
CA GLY A 34 22.31 -33.80 8.30
C GLY A 34 22.47 -33.46 9.79
N ARG A 35 23.60 -32.83 10.16
CA ARG A 35 23.92 -32.52 11.56
C ARG A 35 24.02 -31.01 11.77
N PRO A 36 22.92 -30.24 11.54
CA PRO A 36 22.93 -28.78 11.66
C PRO A 36 22.64 -28.31 13.09
N GLY A 37 22.32 -27.01 13.23
CA GLY A 37 21.82 -26.42 14.47
C GLY A 37 22.56 -25.14 14.84
N LEU A 38 22.04 -24.01 14.33
CA LEU A 38 22.57 -22.64 14.60
C LEU A 38 22.37 -22.27 16.07
N ASP A 39 21.26 -22.74 16.65
CA ASP A 39 20.91 -22.46 18.03
C ASP A 39 22.04 -22.91 18.97
N THR A 40 22.88 -23.84 18.50
CA THR A 40 23.90 -24.54 19.27
C THR A 40 25.33 -24.25 18.75
N LEU A 41 25.59 -23.03 18.26
CA LEU A 41 26.90 -22.65 17.67
C LEU A 41 27.47 -21.39 18.34
N PRO A 42 28.81 -21.24 18.47
CA PRO A 42 29.41 -19.94 18.81
C PRO A 42 29.06 -18.82 17.82
N HIS A 43 28.54 -17.72 18.36
CA HIS A 43 27.95 -16.64 17.57
C HIS A 43 28.84 -16.27 16.38
N ALA A 44 30.15 -16.13 16.64
CA ALA A 44 31.11 -15.69 15.64
C ALA A 44 31.33 -16.78 14.57
N VAL A 45 31.18 -18.06 14.95
CA VAL A 45 31.32 -19.20 14.03
C VAL A 45 30.07 -19.28 13.15
N GLY A 46 28.89 -19.38 13.79
CA GLY A 46 27.59 -19.48 13.12
C GLY A 46 27.38 -18.38 12.08
N ARG A 47 27.79 -17.16 12.43
CA ARG A 47 27.67 -15.98 11.57
C ARG A 47 28.20 -16.28 10.15
N LYS A 48 29.42 -16.82 10.10
CA LYS A 48 30.14 -17.01 8.83
C LYS A 48 29.40 -18.00 7.94
N ALA A 49 28.84 -19.04 8.56
CA ALA A 49 28.13 -20.10 7.86
C ALA A 49 26.79 -19.58 7.30
N VAL A 50 26.00 -18.94 8.16
CA VAL A 50 24.64 -18.50 7.81
C VAL A 50 24.71 -17.35 6.80
N ASP A 51 25.67 -16.43 6.97
CA ASP A 51 25.82 -15.28 6.08
C ASP A 51 25.93 -15.76 4.62
N LYS A 52 26.66 -16.86 4.39
CA LYS A 52 26.87 -17.42 3.05
C LYS A 52 25.55 -17.99 2.52
N MET A 53 24.78 -18.63 3.41
CA MET A 53 23.46 -19.18 3.06
C MET A 53 22.51 -18.05 2.64
N SER A 54 22.51 -16.97 3.42
CA SER A 54 21.67 -15.80 3.15
C SER A 54 21.96 -15.26 1.74
N GLU A 55 23.26 -15.10 1.41
CA GLU A 55 23.67 -14.60 0.10
C GLU A 55 23.03 -15.44 -1.00
N ASP A 56 23.08 -16.77 -0.85
CA ASP A 56 22.56 -17.74 -1.83
C ASP A 56 21.04 -17.69 -1.91
N GLY A 57 20.38 -17.41 -0.77
CA GLY A 57 18.92 -17.32 -0.67
C GLY A 57 18.33 -16.21 -1.53
N GLU A 58 19.12 -15.15 -1.78
CA GLU A 58 18.71 -14.02 -2.60
C GLU A 58 18.71 -14.43 -4.08
N ALA A 59 17.71 -13.94 -4.82
CA ALA A 59 17.63 -14.09 -6.27
C ALA A 59 18.81 -13.35 -6.92
N ASP A 60 19.12 -13.74 -8.15
CA ASP A 60 20.28 -13.25 -8.90
C ASP A 60 20.18 -11.72 -9.06
N PRO A 61 21.28 -10.96 -8.87
CA PRO A 61 21.19 -9.51 -8.74
C PRO A 61 20.91 -8.80 -10.07
N PRO A 62 19.92 -7.89 -10.13
CA PRO A 62 19.69 -7.08 -11.33
C PRO A 62 20.77 -6.00 -11.53
N GLU A 63 21.08 -5.69 -12.80
CA GLU A 63 22.05 -4.66 -13.09
C GLU A 63 21.45 -3.30 -12.70
N VAL A 64 22.32 -2.39 -12.26
CA VAL A 64 21.97 -1.01 -11.93
C VAL A 64 22.87 -0.08 -12.76
N ALA A 65 22.65 1.23 -12.64
CA ALA A 65 23.41 2.25 -13.36
C ALA A 65 24.84 2.37 -12.80
N GLU A 66 24.96 2.24 -11.47
CA GLU A 66 26.20 2.49 -10.78
C GLU A 66 26.11 1.94 -9.35
N VAL A 67 27.20 1.32 -8.88
CA VAL A 67 27.36 0.91 -7.48
C VAL A 67 28.62 1.59 -6.94
N ALA A 68 28.55 2.03 -5.68
CA ALA A 68 29.64 2.77 -5.06
C ALA A 68 29.80 2.34 -3.60
N ASN A 69 31.02 1.95 -3.25
CA ASN A 69 31.39 1.60 -1.90
C ASN A 69 32.16 2.76 -1.26
N GLY A 70 31.92 2.98 0.02
CA GLY A 70 32.61 3.99 0.80
C GLY A 70 32.42 3.75 2.28
N GLY A 71 32.95 4.68 3.07
CA GLY A 71 32.81 4.67 4.53
C GLY A 71 32.94 6.06 5.10
N PHE A 72 32.63 6.20 6.39
CA PHE A 72 32.81 7.47 7.11
C PHE A 72 32.93 7.20 8.62
N ALA A 73 33.19 8.27 9.37
CA ALA A 73 33.41 8.19 10.81
C ALA A 73 32.05 8.12 11.53
N GLY A 74 31.88 7.06 12.34
CA GLY A 74 30.68 6.87 13.16
C GLY A 74 30.91 7.32 14.59
N PRO A 75 30.04 6.93 15.55
CA PRO A 75 30.26 7.25 16.96
C PRO A 75 31.60 6.67 17.46
N ALA A 76 31.86 5.40 17.15
CA ALA A 76 32.95 4.64 17.75
C ALA A 76 33.81 3.94 16.70
N SER A 77 33.51 4.13 15.42
CA SER A 77 34.17 3.35 14.36
C SER A 77 33.83 3.91 12.98
N GLU A 78 34.45 3.32 11.95
CA GLU A 78 34.13 3.58 10.56
C GLU A 78 32.85 2.82 10.20
N ILE A 79 31.88 3.54 9.63
CA ILE A 79 30.67 2.95 9.11
C ILE A 79 30.83 2.80 7.59
N ARG A 80 30.88 1.55 7.12
CA ARG A 80 30.91 1.22 5.68
C ARG A 80 29.49 1.42 5.10
N PHE A 81 29.43 1.64 3.78
CA PHE A 81 28.15 1.78 3.08
C PHE A 81 28.34 1.47 1.59
N ARG A 82 27.21 1.19 0.92
CA ARG A 82 27.18 0.93 -0.51
C ARG A 82 25.97 1.63 -1.14
N ARG A 83 26.20 2.38 -2.23
CA ARG A 83 25.15 3.13 -2.93
C ARG A 83 24.82 2.47 -4.26
N TYR A 84 23.51 2.35 -4.54
CA TYR A 84 23.00 1.84 -5.81
C TYR A 84 22.21 2.96 -6.50
N ARG A 85 22.64 3.32 -7.71
CA ARG A 85 21.97 4.31 -8.54
C ARG A 85 21.10 3.56 -9.55
N PRO A 86 19.78 3.85 -9.64
CA PRO A 86 18.87 3.11 -10.52
C PRO A 86 19.06 3.39 -12.02
N LEU A 87 18.59 2.44 -12.85
CA LEU A 87 18.79 2.47 -14.31
C LEU A 87 18.02 3.61 -14.95
N GLY A 88 18.68 4.30 -15.90
CA GLY A 88 18.10 5.38 -16.70
C GLY A 88 17.61 6.56 -15.86
N GLU A 89 18.31 6.84 -14.76
CA GLU A 89 18.00 7.97 -13.87
C GLU A 89 19.16 8.97 -13.93
N ALA A 90 18.97 10.04 -14.70
CA ALA A 90 20.04 10.94 -15.13
C ALA A 90 20.29 12.06 -14.11
N ALA A 91 19.30 12.36 -13.25
CA ALA A 91 19.38 13.51 -12.33
C ALA A 91 20.50 13.30 -11.29
N GLY A 92 21.12 14.42 -10.88
CA GLY A 92 22.21 14.42 -9.92
C GLY A 92 21.74 14.00 -8.54
N LEU A 93 21.01 14.89 -7.87
CA LEU A 93 20.42 14.58 -6.58
C LEU A 93 19.13 13.78 -6.80
N LEU A 94 19.07 12.57 -6.24
CA LEU A 94 17.88 11.72 -6.31
C LEU A 94 17.25 11.60 -4.93
N PRO A 95 15.94 11.30 -4.85
CA PRO A 95 15.34 10.89 -3.58
C PRO A 95 15.94 9.54 -3.16
N THR A 96 16.27 9.40 -1.88
CA THR A 96 17.21 8.37 -1.41
C THR A 96 16.65 7.64 -0.18
N LEU A 97 16.77 6.30 -0.19
CA LEU A 97 16.40 5.43 0.94
C LEU A 97 17.67 4.92 1.60
N ILE A 98 17.70 4.96 2.93
CA ILE A 98 18.78 4.42 3.77
C ILE A 98 18.32 3.08 4.35
N TYR A 99 18.97 1.99 3.93
CA TYR A 99 18.52 0.62 4.25
C TYR A 99 19.40 -0.01 5.33
N TYR A 100 18.75 -0.53 6.38
CA TYR A 100 19.41 -1.28 7.44
C TYR A 100 19.05 -2.76 7.30
N HIS A 101 20.08 -3.60 7.09
CA HIS A 101 19.88 -5.05 6.90
C HIS A 101 19.32 -5.67 8.19
N GLY A 102 18.71 -6.85 8.03
CA GLY A 102 18.17 -7.63 9.14
C GLY A 102 19.20 -8.59 9.69
N GLY A 103 18.85 -9.33 10.75
CA GLY A 103 19.69 -10.40 11.31
C GLY A 103 19.97 -10.22 12.80
N GLY A 104 18.94 -9.89 13.58
CA GLY A 104 18.96 -9.92 15.03
C GLY A 104 20.11 -9.14 15.64
N PHE A 105 20.56 -8.09 14.94
CA PHE A 105 21.69 -7.28 15.40
C PHE A 105 22.92 -8.15 15.68
N VAL A 106 23.09 -9.24 14.91
CA VAL A 106 24.14 -10.23 15.18
C VAL A 106 24.75 -10.72 13.86
N ILE A 107 23.89 -11.10 12.90
CA ILE A 107 24.31 -11.61 11.58
C ILE A 107 23.86 -10.63 10.48
N GLY A 108 24.22 -10.97 9.24
CA GLY A 108 23.95 -10.17 8.07
C GLY A 108 25.07 -9.19 7.78
N ASN A 109 25.02 -8.59 6.60
CA ASN A 109 25.90 -7.51 6.16
C ASN A 109 25.37 -7.01 4.80
N ILE A 110 26.11 -6.11 4.15
CA ILE A 110 25.62 -5.48 2.93
C ILE A 110 25.37 -6.54 1.85
N GLU A 111 26.19 -7.61 1.84
CA GLU A 111 26.19 -8.65 0.79
C GLU A 111 24.93 -9.51 0.85
N THR A 112 24.46 -9.78 2.07
CA THR A 112 23.31 -10.65 2.32
C THR A 112 22.01 -10.02 1.77
N HIS A 113 22.03 -8.69 1.55
CA HIS A 113 20.85 -7.93 1.12
C HIS A 113 21.17 -7.06 -0.12
N ASP A 114 22.18 -7.48 -0.91
CA ASP A 114 22.64 -6.71 -2.07
C ASP A 114 21.59 -6.79 -3.19
N SER A 115 21.21 -8.01 -3.58
CA SER A 115 20.24 -8.24 -4.67
C SER A 115 18.94 -7.46 -4.42
N THR A 116 18.51 -7.42 -3.16
CA THR A 116 17.25 -6.82 -2.77
C THR A 116 17.33 -5.29 -2.94
N CYS A 117 18.42 -4.70 -2.48
CA CYS A 117 18.64 -3.25 -2.60
C CYS A 117 18.70 -2.81 -4.07
N ARG A 118 19.35 -3.61 -4.92
CA ARG A 118 19.44 -3.37 -6.35
C ARG A 118 18.03 -3.32 -6.96
N ARG A 119 17.21 -4.32 -6.59
CA ARG A 119 15.87 -4.46 -7.12
C ARG A 119 14.98 -3.32 -6.62
N LEU A 120 15.21 -2.87 -5.37
CA LEU A 120 14.43 -1.78 -4.78
C LEU A 120 14.69 -0.46 -5.51
N ALA A 121 15.96 -0.16 -5.81
CA ALA A 121 16.36 1.10 -6.43
C ALA A 121 15.80 1.21 -7.86
N ASN A 122 15.96 0.13 -8.64
CA ASN A 122 15.42 0.07 -9.99
C ASN A 122 13.92 0.36 -9.97
N LYS A 123 13.15 -0.42 -9.20
CA LYS A 123 11.69 -0.33 -9.19
C LYS A 123 11.24 1.05 -8.70
N SER A 124 11.84 1.52 -7.59
CA SER A 124 11.40 2.77 -6.93
C SER A 124 11.83 4.00 -7.72
N ARG A 125 12.84 3.84 -8.59
CA ARG A 125 13.49 4.93 -9.35
C ARG A 125 14.13 5.91 -8.36
N CYS A 126 14.66 5.36 -7.26
CA CYS A 126 15.31 6.08 -6.14
C CYS A 126 16.70 5.49 -5.90
N GLN A 127 17.61 6.33 -5.37
CA GLN A 127 18.91 5.88 -4.90
C GLN A 127 18.72 5.10 -3.59
N VAL A 128 19.49 4.01 -3.40
CA VAL A 128 19.48 3.22 -2.15
C VAL A 128 20.89 3.22 -1.55
N ILE A 129 20.97 3.39 -0.23
CA ILE A 129 22.23 3.42 0.54
C ILE A 129 22.15 2.38 1.68
N SER A 130 22.68 1.19 1.41
CA SER A 130 22.81 0.14 2.41
C SER A 130 23.85 0.58 3.45
N ILE A 131 23.55 0.36 4.73
CA ILE A 131 24.44 0.71 5.86
C ILE A 131 24.94 -0.58 6.52
N ASP A 132 26.22 -0.59 6.89
CA ASP A 132 26.89 -1.70 7.57
C ASP A 132 27.22 -1.27 9.01
N TYR A 133 26.30 -1.59 9.93
CA TYR A 133 26.34 -1.15 11.32
C TYR A 133 26.97 -2.23 12.21
N ARG A 134 27.52 -1.79 13.35
CA ARG A 134 28.22 -2.66 14.34
C ARG A 134 27.28 -3.78 14.81
N LEU A 135 27.81 -5.02 14.84
CA LEU A 135 27.05 -6.21 15.23
C LEU A 135 27.49 -6.69 16.61
N ALA A 136 26.58 -7.47 17.23
CA ALA A 136 26.78 -8.12 18.51
C ALA A 136 27.16 -9.58 18.26
N PRO A 137 27.75 -10.26 19.25
CA PRO A 137 27.99 -9.77 20.59
C PRO A 137 29.17 -8.80 20.72
N GLU A 138 30.09 -8.83 19.75
CA GLU A 138 31.30 -8.01 19.75
C GLU A 138 31.00 -6.59 20.27
N HIS A 139 29.91 -5.98 19.77
CA HIS A 139 29.40 -4.67 20.22
C HIS A 139 27.91 -4.80 20.57
N PRO A 140 27.53 -4.89 21.86
CA PRO A 140 26.13 -5.11 22.23
C PRO A 140 25.30 -3.81 22.29
N PHE A 141 24.05 -3.93 22.73
CA PHE A 141 23.14 -2.81 22.90
C PHE A 141 23.84 -1.74 23.75
N PRO A 142 23.78 -0.47 23.33
CA PRO A 142 22.99 0.01 22.20
C PRO A 142 23.82 0.40 20.96
N ALA A 143 24.96 -0.28 20.75
CA ALA A 143 25.88 0.06 19.67
C ALA A 143 25.16 0.07 18.32
N PRO A 144 24.48 -1.02 17.90
CA PRO A 144 23.89 -1.09 16.56
C PRO A 144 23.02 0.11 16.15
N ILE A 145 22.03 0.48 16.99
CA ILE A 145 21.07 1.56 16.65
C ILE A 145 21.77 2.93 16.72
N ASP A 146 22.84 3.04 17.50
CA ASP A 146 23.62 4.28 17.59
C ASP A 146 24.27 4.59 16.23
N ASP A 147 24.75 3.55 15.56
CA ASP A 147 25.33 3.65 14.21
C ASP A 147 24.21 3.93 13.20
N GLY A 148 23.05 3.28 13.40
CA GLY A 148 21.85 3.52 12.60
C GLY A 148 21.46 5.00 12.57
N ILE A 149 21.52 5.65 13.74
CA ILE A 149 21.10 7.05 13.89
C ILE A 149 22.17 7.99 13.30
N ALA A 150 23.44 7.65 13.54
CA ALA A 150 24.58 8.46 13.09
C ALA A 150 24.62 8.50 11.56
N ALA A 151 24.31 7.34 10.94
CA ALA A 151 24.34 7.18 9.49
C ALA A 151 23.31 8.11 8.84
N PHE A 152 22.12 8.21 9.44
CA PHE A 152 21.05 9.04 8.92
C PHE A 152 21.42 10.53 9.04
N ARG A 153 21.85 10.92 10.25
CA ARG A 153 22.24 12.29 10.57
C ARG A 153 23.34 12.76 9.61
N HIS A 154 24.32 11.89 9.38
CA HIS A 154 25.45 12.20 8.51
C HIS A 154 24.95 12.45 7.08
N ILE A 155 24.20 11.48 6.54
CA ILE A 155 23.73 11.52 5.16
C ILE A 155 22.78 12.71 4.96
N ARG A 156 22.00 13.02 6.00
CA ARG A 156 21.10 14.18 5.99
C ARG A 156 21.93 15.46 5.80
N ASP A 157 22.97 15.62 6.63
CA ASP A 157 23.73 16.86 6.75
C ASP A 157 24.72 17.04 5.59
N ASN A 158 25.04 15.95 4.89
CA ASN A 158 25.95 16.00 3.74
C ASN A 158 25.21 15.45 2.51
N ALA A 159 23.96 15.90 2.34
CA ALA A 159 23.03 15.34 1.35
C ALA A 159 23.66 15.33 -0.04
N GLU A 160 24.14 16.50 -0.46
CA GLU A 160 24.57 16.71 -1.84
C GLU A 160 25.85 15.89 -2.10
N SER A 161 26.66 15.71 -1.06
CA SER A 161 27.85 14.86 -1.11
C SER A 161 27.49 13.42 -1.49
N PHE A 162 26.40 12.92 -0.89
CA PHE A 162 25.90 11.57 -1.11
C PHE A 162 24.94 11.54 -2.31
N GLY A 163 24.91 12.61 -3.09
CA GLY A 163 24.10 12.73 -4.30
C GLY A 163 22.63 12.54 -4.03
N ALA A 164 22.13 13.19 -2.97
CA ALA A 164 20.81 12.95 -2.42
C ALA A 164 20.05 14.26 -2.23
N ASP A 165 18.78 14.26 -2.65
CA ASP A 165 17.84 15.31 -2.31
C ASP A 165 17.54 15.20 -0.81
N ALA A 166 17.87 16.28 -0.07
CA ALA A 166 17.63 16.34 1.37
C ALA A 166 16.13 16.37 1.65
N ALA A 167 15.36 16.99 0.73
CA ALA A 167 13.91 17.15 0.85
C ALA A 167 13.18 15.80 0.87
N ARG A 168 13.77 14.78 0.22
CA ARG A 168 13.13 13.49 0.02
C ARG A 168 14.11 12.38 0.42
N LEU A 169 14.37 12.30 1.73
CA LEU A 169 15.30 11.36 2.32
C LEU A 169 14.55 10.45 3.30
N ALA A 170 14.70 9.13 3.11
CA ALA A 170 13.91 8.10 3.83
C ALA A 170 14.83 7.06 4.50
N VAL A 171 14.24 6.23 5.36
CA VAL A 171 14.93 5.09 5.98
C VAL A 171 14.02 3.86 5.91
N GLY A 172 14.60 2.66 6.07
CA GLY A 172 13.85 1.42 6.11
C GLY A 172 14.73 0.22 6.39
N GLY A 173 14.11 -0.92 6.66
CA GLY A 173 14.80 -2.19 6.86
C GLY A 173 13.83 -3.34 7.12
N ASP A 174 14.40 -4.53 7.38
CA ASP A 174 13.64 -5.72 7.73
C ASP A 174 14.12 -6.26 9.08
N SER A 175 13.19 -6.81 9.87
CA SER A 175 13.45 -7.44 11.17
C SER A 175 14.11 -6.48 12.15
N ALA A 176 15.31 -6.80 12.64
CA ALA A 176 16.09 -5.87 13.44
C ALA A 176 16.28 -4.55 12.68
N GLY A 177 16.42 -4.65 11.35
CA GLY A 177 16.57 -3.50 10.45
C GLY A 177 15.35 -2.60 10.47
N GLY A 178 14.17 -3.20 10.42
CA GLY A 178 12.89 -2.49 10.46
C GLY A 178 12.69 -1.82 11.80
N ALA A 179 13.06 -2.54 12.87
CA ALA A 179 13.11 -1.99 14.21
C ALA A 179 14.01 -0.74 14.21
N MET A 180 15.24 -0.90 13.72
CA MET A 180 16.24 0.15 13.71
C MET A 180 15.74 1.38 12.95
N ALA A 181 14.96 1.17 11.89
CA ALA A 181 14.40 2.26 11.08
C ALA A 181 13.40 3.07 11.90
N ALA A 182 12.47 2.37 12.57
CA ALA A 182 11.37 2.98 13.34
C ALA A 182 11.92 3.83 14.50
N VAL A 183 13.06 3.38 15.05
CA VAL A 183 13.73 4.03 16.18
C VAL A 183 14.39 5.33 15.72
N VAL A 184 15.03 5.31 14.55
CA VAL A 184 15.72 6.49 14.00
C VAL A 184 14.72 7.65 13.88
N CYS A 185 13.49 7.33 13.50
CA CYS A 185 12.43 8.33 13.30
C CYS A 185 11.97 8.91 14.64
N GLN A 186 11.81 8.03 15.65
CA GLN A 186 11.40 8.44 16.99
C GLN A 186 12.50 9.32 17.60
N ALA A 187 13.72 8.79 17.62
CA ALA A 187 14.90 9.48 18.15
C ALA A 187 14.96 10.92 17.63
N CYS A 188 14.76 11.09 16.31
CA CYS A 188 14.84 12.42 15.66
C CYS A 188 13.73 13.35 16.17
N ARG A 189 12.51 12.82 16.32
CA ARG A 189 11.38 13.61 16.80
C ARG A 189 11.58 13.98 18.27
N ASP A 190 12.14 13.05 19.05
CA ASP A 190 12.41 13.24 20.49
C ASP A 190 13.48 14.33 20.70
N ALA A 191 14.48 14.36 19.81
CA ALA A 191 15.58 15.32 19.85
C ALA A 191 15.18 16.64 19.17
N GLY A 192 13.92 16.74 18.74
CA GLY A 192 13.41 17.89 18.00
C GLY A 192 14.38 18.36 16.94
N GLU A 193 14.77 17.45 16.04
CA GLU A 193 15.54 17.79 14.83
C GLU A 193 14.85 17.18 13.61
N THR A 194 15.27 17.62 12.42
CA THR A 194 14.72 17.13 11.13
C THR A 194 15.02 15.63 11.00
N GLY A 195 13.95 14.81 10.99
CA GLY A 195 14.00 13.37 10.76
C GLY A 195 13.63 13.00 9.32
N PRO A 196 13.50 11.69 9.00
CA PRO A 196 13.26 11.25 7.63
C PRO A 196 11.87 11.62 7.10
N ALA A 197 11.74 11.60 5.77
CA ALA A 197 10.54 11.99 5.04
C ALA A 197 9.58 10.79 4.89
N PHE A 198 10.12 9.58 5.06
CA PHE A 198 9.41 8.32 4.82
C PHE A 198 10.11 7.17 5.56
N GLN A 199 9.35 6.25 6.17
CA GLN A 199 9.89 5.07 6.86
C GLN A 199 9.26 3.78 6.29
N MET A 200 10.09 2.91 5.72
CA MET A 200 9.67 1.62 5.15
C MET A 200 10.00 0.50 6.15
N LEU A 201 8.96 -0.02 6.82
CA LEU A 201 9.12 -1.00 7.90
C LEU A 201 8.65 -2.39 7.45
N ILE A 202 9.60 -3.30 7.23
CA ILE A 202 9.30 -4.65 6.72
C ILE A 202 9.39 -5.67 7.85
N TYR A 203 8.25 -6.30 8.15
CA TYR A 203 8.06 -7.29 9.24
C TYR A 203 9.01 -6.98 10.40
N PRO A 204 8.94 -5.76 10.96
CA PRO A 204 9.85 -5.35 12.04
C PRO A 204 9.43 -5.85 13.43
N ALA A 205 10.41 -5.91 14.33
CA ALA A 205 10.19 -6.24 15.75
C ALA A 205 10.09 -4.93 16.55
N THR A 206 8.96 -4.73 17.23
CA THR A 206 8.62 -3.43 17.82
C THR A 206 8.31 -3.53 19.31
N ASP A 207 8.34 -4.75 19.88
CA ASP A 207 7.93 -4.98 21.27
C ASP A 207 8.72 -6.15 21.88
N SER A 208 9.58 -5.82 22.84
CA SER A 208 10.38 -6.78 23.62
C SER A 208 9.73 -7.04 24.99
N SER A 209 8.72 -6.24 25.35
CA SER A 209 8.23 -6.17 26.71
C SER A 209 7.25 -7.31 27.04
N ARG A 210 6.71 -7.97 26.01
CA ARG A 210 5.70 -9.01 26.22
C ARG A 210 5.61 -9.90 24.97
N GLU A 211 4.77 -10.95 25.04
CA GLU A 211 4.57 -11.90 23.96
C GLU A 211 3.14 -11.76 23.41
N SER A 212 3.03 -11.42 22.13
CA SER A 212 1.76 -11.35 21.41
C SER A 212 1.22 -12.76 21.17
N ALA A 213 0.06 -12.86 20.53
CA ALA A 213 -0.56 -14.13 20.19
C ALA A 213 0.32 -14.89 19.17
N SER A 214 0.77 -14.15 18.14
CA SER A 214 1.54 -14.72 17.02
C SER A 214 2.93 -15.19 17.49
N ARG A 215 3.52 -14.50 18.47
CA ARG A 215 4.84 -14.86 19.01
C ARG A 215 4.78 -16.25 19.66
N VAL A 216 3.60 -16.63 20.15
CA VAL A 216 3.37 -17.92 20.79
C VAL A 216 2.91 -18.94 19.74
N ALA A 217 1.97 -18.52 18.87
CA ALA A 217 1.32 -19.42 17.92
C ALA A 217 2.30 -19.94 16.87
N PHE A 218 3.37 -19.18 16.58
CA PHE A 218 4.37 -19.55 15.57
C PHE A 218 5.77 -19.59 16.20
N ALA A 219 5.83 -19.96 17.49
CA ALA A 219 7.07 -20.00 18.26
C ALA A 219 8.04 -21.05 17.71
N GLU A 220 7.51 -22.05 16.98
CA GLU A 220 8.32 -23.15 16.49
C GLU A 220 7.78 -23.70 15.17
N GLY A 221 8.69 -23.92 14.22
CA GLY A 221 8.47 -24.73 13.02
C GLY A 221 8.30 -23.91 11.74
N TYR A 222 8.26 -22.58 11.87
CA TYR A 222 8.03 -21.70 10.74
C TYR A 222 9.17 -20.69 10.61
N PHE A 223 10.30 -21.16 10.06
CA PHE A 223 11.50 -20.32 9.92
C PHE A 223 11.88 -19.84 11.32
N LEU A 224 11.92 -18.53 11.50
CA LEU A 224 12.19 -17.89 12.79
C LEU A 224 11.56 -18.71 13.92
N SER A 225 12.42 -19.10 14.88
CA SER A 225 12.04 -19.99 15.97
C SER A 225 12.25 -19.17 17.24
N LYS A 226 11.54 -19.52 18.31
CA LYS A 226 11.72 -18.89 19.60
C LYS A 226 13.15 -19.16 20.10
N ALA A 227 13.68 -20.34 19.75
CA ALA A 227 15.04 -20.75 20.08
C ALA A 227 16.07 -19.80 19.44
N HIS A 228 15.80 -19.35 18.20
CA HIS A 228 16.65 -18.38 17.49
C HIS A 228 16.65 -17.04 18.22
N MET A 229 15.46 -16.54 18.58
CA MET A 229 15.26 -15.19 19.14
C MET A 229 15.99 -15.06 20.49
N ASP A 230 16.04 -16.16 21.26
CA ASP A 230 16.75 -16.22 22.54
C ASP A 230 18.27 -16.11 22.31
N TRP A 231 18.75 -16.92 21.37
CA TRP A 231 20.15 -16.96 20.94
C TRP A 231 20.64 -15.56 20.58
N PHE A 232 19.83 -14.82 19.83
CA PHE A 232 20.10 -13.43 19.48
C PHE A 232 20.07 -12.56 20.73
N TRP A 233 19.01 -12.71 21.53
CA TRP A 233 18.75 -11.86 22.69
C TRP A 233 19.91 -11.89 23.69
N GLU A 234 20.47 -13.08 23.92
CA GLU A 234 21.52 -13.27 24.93
C GLU A 234 22.80 -12.52 24.51
N ALA A 235 22.99 -12.34 23.20
CA ALA A 235 24.16 -11.67 22.65
C ALA A 235 23.96 -10.15 22.63
N TYR A 236 22.79 -9.70 22.16
CA TYR A 236 22.50 -8.28 21.88
C TYR A 236 22.37 -7.49 23.19
N VAL A 237 21.69 -8.08 24.18
CA VAL A 237 21.14 -7.33 25.32
C VAL A 237 21.89 -7.66 26.61
N PRO A 238 22.52 -6.66 27.27
CA PRO A 238 23.04 -6.82 28.64
C PRO A 238 21.92 -7.23 29.59
N GLU A 239 22.21 -8.16 30.51
CA GLU A 239 21.22 -8.67 31.44
C GLU A 239 20.85 -7.55 32.40
N ASP A 240 19.59 -7.58 32.85
CA ASP A 240 18.98 -6.51 33.65
C ASP A 240 19.05 -5.20 32.86
N THR A 241 18.38 -5.19 31.69
CA THR A 241 18.03 -3.97 30.96
C THR A 241 16.50 -3.87 30.89
N ASP A 242 15.98 -2.72 31.31
CA ASP A 242 14.55 -2.44 31.30
C ASP A 242 14.02 -2.69 29.88
N LEU A 243 13.06 -3.63 29.78
CA LEU A 243 12.54 -4.09 28.49
C LEU A 243 11.60 -3.05 27.86
N THR A 244 11.09 -2.12 28.66
CA THR A 244 10.20 -1.07 28.19
C THR A 244 11.00 0.12 27.66
N ASP A 245 12.31 -0.05 27.46
CA ASP A 245 13.12 0.91 26.71
C ASP A 245 12.60 0.96 25.27
N LEU A 246 12.48 2.17 24.74
CA LEU A 246 11.82 2.41 23.45
C LEU A 246 12.74 2.01 22.29
N ARG A 247 14.05 1.92 22.55
CA ARG A 247 15.03 1.43 21.58
C ARG A 247 14.91 -0.09 21.42
N LEU A 248 14.33 -0.75 22.43
CA LEU A 248 14.01 -2.18 22.37
C LEU A 248 12.54 -2.37 21.99
N SER A 249 11.69 -1.40 22.34
CA SER A 249 10.25 -1.55 22.23
C SER A 249 9.61 -0.23 21.82
N PRO A 250 9.84 0.25 20.57
CA PRO A 250 9.29 1.52 20.12
C PRO A 250 7.76 1.57 20.02
N LEU A 251 7.10 0.42 20.17
CA LEU A 251 5.64 0.34 20.13
C LEU A 251 5.04 1.01 21.37
N LEU A 252 5.81 1.05 22.47
CA LEU A 252 5.31 1.51 23.76
C LEU A 252 5.46 3.04 23.90
N ALA A 253 5.76 3.73 22.79
CA ALA A 253 5.86 5.19 22.80
C ALA A 253 4.49 5.78 23.17
N THR A 254 4.53 6.86 23.95
CA THR A 254 3.36 7.62 24.38
C THR A 254 2.71 8.29 23.17
N ASP A 255 3.50 9.09 22.47
CA ASP A 255 3.07 9.94 21.39
C ASP A 255 3.55 9.35 20.06
N PHE A 256 2.66 9.30 19.07
CA PHE A 256 3.00 8.83 17.72
C PHE A 256 2.90 9.96 16.69
N THR A 257 2.45 11.15 17.12
CA THR A 257 2.30 12.28 16.22
C THR A 257 3.69 12.84 15.87
N GLY A 258 3.78 13.42 14.67
CA GLY A 258 5.00 14.05 14.18
C GLY A 258 6.03 13.05 13.66
N LEU A 259 5.60 11.80 13.46
CA LEU A 259 6.44 10.80 12.82
C LEU A 259 6.16 10.80 11.33
N PRO A 260 7.14 10.42 10.48
CA PRO A 260 6.96 10.48 9.04
C PRO A 260 5.98 9.44 8.50
N PRO A 261 5.44 9.66 7.27
CA PRO A 261 4.61 8.67 6.59
C PRO A 261 5.31 7.31 6.49
N ALA A 262 4.53 6.22 6.59
CA ALA A 262 5.08 4.88 6.75
C ALA A 262 4.51 3.90 5.71
N PHE A 263 5.36 2.95 5.31
CA PHE A 263 4.93 1.69 4.71
C PHE A 263 5.25 0.57 5.71
N VAL A 264 4.26 -0.29 5.99
CA VAL A 264 4.43 -1.38 6.93
C VAL A 264 3.91 -2.67 6.30
N LEU A 265 4.74 -3.71 6.32
CA LEU A 265 4.44 -5.00 5.74
C LEU A 265 4.58 -6.08 6.83
N THR A 266 3.62 -7.02 6.88
CA THR A 266 3.68 -8.21 7.74
C THR A 266 3.51 -9.47 6.88
N ALA A 267 3.92 -10.61 7.45
CA ALA A 267 3.74 -11.95 6.87
C ALA A 267 2.85 -12.79 7.78
N GLY A 268 2.09 -13.71 7.16
CA GLY A 268 1.04 -14.49 7.83
C GLY A 268 1.56 -15.42 8.91
N TYR A 269 2.72 -16.05 8.68
CA TYR A 269 3.31 -17.05 9.59
C TYR A 269 4.60 -16.48 10.19
N ASP A 270 4.44 -15.33 10.84
CA ASP A 270 5.53 -14.58 11.43
C ASP A 270 5.18 -14.35 12.90
N PRO A 271 6.07 -14.75 13.85
CA PRO A 271 5.93 -14.31 15.23
C PRO A 271 5.80 -12.79 15.42
N LEU A 272 6.46 -12.02 14.55
CA LEU A 272 6.48 -10.55 14.63
C LEU A 272 5.32 -9.94 13.84
N ARG A 273 4.21 -10.67 13.72
CA ARG A 273 3.10 -10.25 12.89
C ARG A 273 2.25 -9.24 13.66
N ASP A 274 1.84 -9.63 14.87
CA ASP A 274 0.84 -8.90 15.62
C ASP A 274 1.38 -7.54 16.06
N GLU A 275 2.64 -7.51 16.50
CA GLU A 275 3.27 -6.26 16.97
C GLU A 275 3.61 -5.36 15.79
N GLY A 276 3.74 -5.96 14.59
CA GLY A 276 3.92 -5.22 13.34
C GLY A 276 2.70 -4.38 13.00
N ARG A 277 1.53 -5.03 12.93
CA ARG A 277 0.24 -4.39 12.60
C ARG A 277 -0.17 -3.42 13.72
N ALA A 278 0.17 -3.77 14.96
CA ALA A 278 -0.06 -2.91 16.12
C ALA A 278 0.60 -1.55 15.89
N TYR A 279 1.88 -1.56 15.51
CA TYR A 279 2.67 -0.34 15.26
C TYR A 279 1.99 0.48 14.15
N ALA A 280 1.58 -0.22 13.09
CA ALA A 280 0.91 0.40 11.95
C ALA A 280 -0.37 1.11 12.40
N ASP A 281 -1.13 0.46 13.29
CA ASP A 281 -2.41 0.99 13.82
C ASP A 281 -2.17 2.24 14.66
N ARG A 282 -1.14 2.20 15.53
CA ARG A 282 -0.79 3.34 16.36
C ARG A 282 -0.54 4.57 15.48
N LEU A 283 0.05 4.33 14.30
CA LEU A 283 0.39 5.38 13.32
C LEU A 283 -0.87 5.97 12.68
N ILE A 284 -1.83 5.11 12.32
CA ILE A 284 -3.04 5.53 11.60
C ILE A 284 -3.89 6.43 12.52
N GLU A 285 -3.99 6.04 13.79
CA GLU A 285 -4.82 6.75 14.79
C GLU A 285 -4.11 8.05 15.23
N ALA A 286 -2.79 8.13 15.03
CA ALA A 286 -2.02 9.35 15.32
C ALA A 286 -2.14 10.36 14.16
N GLY A 287 -2.85 10.00 13.09
CA GLY A 287 -3.14 10.89 11.97
C GLY A 287 -1.99 11.01 10.99
N ILE A 288 -1.15 9.96 10.93
CA ILE A 288 -0.01 9.87 10.02
C ILE A 288 -0.47 9.12 8.74
N LYS A 289 0.08 9.51 7.58
CA LYS A 289 -0.20 8.81 6.32
C LYS A 289 0.53 7.48 6.32
N THR A 290 -0.23 6.38 6.29
CA THR A 290 0.28 5.03 6.48
C THR A 290 -0.27 4.09 5.40
N THR A 291 0.57 3.13 5.02
CA THR A 291 0.20 2.01 4.17
C THR A 291 0.54 0.71 4.91
N TYR A 292 -0.48 -0.11 5.21
CA TYR A 292 -0.28 -1.43 5.79
C TYR A 292 -0.57 -2.48 4.74
N VAL A 293 0.16 -3.61 4.81
CA VAL A 293 -0.09 -4.75 3.94
C VAL A 293 0.28 -6.04 4.67
N ASN A 294 -0.54 -7.08 4.46
CA ASN A 294 -0.29 -8.41 4.93
C ASN A 294 -0.15 -9.34 3.72
N TYR A 295 0.94 -10.12 3.72
CA TYR A 295 1.14 -11.21 2.78
C TYR A 295 0.82 -12.52 3.50
N PRO A 296 -0.43 -13.03 3.42
CA PRO A 296 -0.79 -14.25 4.14
C PRO A 296 -0.11 -15.45 3.46
N GLY A 297 0.12 -16.53 4.22
CA GLY A 297 0.60 -17.80 3.66
C GLY A 297 2.06 -17.73 3.19
N THR A 298 2.85 -16.84 3.78
CA THR A 298 4.31 -16.85 3.65
C THR A 298 4.92 -16.56 5.04
N ILE A 299 6.24 -16.71 5.13
CA ILE A 299 6.94 -16.78 6.41
C ILE A 299 7.73 -15.48 6.60
N HIS A 300 8.27 -15.29 7.80
CA HIS A 300 9.24 -14.25 8.06
C HIS A 300 10.48 -14.48 7.17
N GLY A 301 11.00 -13.42 6.55
CA GLY A 301 12.28 -13.47 5.82
C GLY A 301 12.12 -13.63 4.31
N PHE A 302 10.87 -13.72 3.84
CA PHE A 302 10.55 -13.96 2.43
C PHE A 302 10.97 -12.75 1.57
N PHE A 303 11.15 -11.58 2.19
CA PHE A 303 11.48 -10.34 1.50
C PHE A 303 12.88 -10.38 0.86
N SER A 304 13.72 -11.34 1.28
CA SER A 304 15.05 -11.49 0.70
C SER A 304 15.43 -12.95 0.43
N LEU A 305 14.52 -13.90 0.68
CA LEU A 305 14.69 -15.29 0.20
C LEU A 305 14.01 -15.42 -1.17
N THR A 306 14.44 -14.57 -2.09
CA THR A 306 13.76 -14.33 -3.33
C THR A 306 14.23 -15.36 -4.37
N ARG A 307 15.12 -16.27 -3.98
CA ARG A 307 15.49 -17.42 -4.81
C ARG A 307 14.47 -18.55 -4.64
N PHE A 308 13.72 -18.54 -3.54
CA PHE A 308 12.74 -19.60 -3.26
C PHE A 308 11.30 -19.09 -3.33
N LEU A 309 11.07 -17.81 -3.02
CA LEU A 309 9.71 -17.29 -2.79
C LEU A 309 9.44 -16.08 -3.69
N SER A 310 8.58 -16.29 -4.70
CA SER A 310 8.13 -15.26 -5.64
C SER A 310 7.50 -14.08 -4.90
N GLN A 311 6.73 -14.40 -3.86
CA GLN A 311 6.00 -13.41 -3.09
C GLN A 311 6.96 -12.31 -2.64
N GLY A 312 8.18 -12.72 -2.27
CA GLY A 312 9.26 -11.82 -1.88
C GLY A 312 9.54 -10.76 -2.93
N LEU A 313 9.59 -11.19 -4.20
CA LEU A 313 9.86 -10.28 -5.32
C LEU A 313 8.68 -9.35 -5.53
N LYS A 314 7.46 -9.87 -5.37
CA LYS A 314 6.25 -9.07 -5.45
C LYS A 314 6.24 -8.00 -4.35
N ALA A 315 6.67 -8.39 -3.14
CA ALA A 315 6.77 -7.48 -1.99
C ALA A 315 7.85 -6.43 -2.24
N ASN A 316 9.02 -6.87 -2.72
CA ASN A 316 10.12 -5.98 -3.12
C ASN A 316 9.59 -4.90 -4.06
N ASP A 317 8.75 -5.30 -5.02
CA ASP A 317 8.17 -4.41 -6.02
C ASP A 317 7.14 -3.45 -5.38
N GLU A 318 6.27 -3.99 -4.52
CA GLU A 318 5.19 -3.22 -3.91
C GLU A 318 5.75 -2.10 -3.04
N ALA A 319 6.72 -2.44 -2.17
CA ALA A 319 7.35 -1.48 -1.25
C ALA A 319 8.00 -0.35 -2.05
N ALA A 320 8.83 -0.73 -3.03
CA ALA A 320 9.53 0.19 -3.93
C ALA A 320 8.53 1.16 -4.58
N ALA A 321 7.38 0.63 -4.99
CA ALA A 321 6.36 1.35 -5.74
C ALA A 321 5.70 2.44 -4.89
N VAL A 322 5.41 2.13 -3.63
CA VAL A 322 4.68 3.02 -2.70
C VAL A 322 5.57 4.21 -2.34
N MET A 323 6.85 3.95 -2.11
CA MET A 323 7.86 4.97 -1.80
C MET A 323 8.06 5.87 -3.03
N GLY A 324 8.22 5.25 -4.21
CA GLY A 324 8.32 5.96 -5.48
C GLY A 324 7.18 6.95 -5.68
N ALA A 325 5.95 6.47 -5.49
CA ALA A 325 4.74 7.28 -5.72
C ALA A 325 4.68 8.44 -4.73
N HIS A 326 5.25 8.24 -3.54
CA HIS A 326 5.26 9.24 -2.47
C HIS A 326 6.14 10.43 -2.88
N PHE A 327 7.34 10.12 -3.40
CA PHE A 327 8.32 11.12 -3.83
C PHE A 327 8.08 11.54 -5.29
N GLY A 328 7.12 10.88 -5.96
CA GLY A 328 6.68 11.24 -7.30
C GLY A 328 7.76 11.04 -8.35
N THR A 329 8.43 9.88 -8.29
CA THR A 329 9.43 9.48 -9.28
C THR A 329 8.75 8.72 -10.42
N MET B 15 -5.88 19.17 11.51
CA MET B 15 -5.16 18.18 10.62
C MET B 15 -5.47 18.38 9.12
N LEU B 16 -6.22 19.42 8.74
CA LEU B 16 -6.58 19.70 7.34
C LEU B 16 -5.38 20.37 6.65
N LEU B 17 -5.07 19.92 5.43
CA LEU B 17 -3.89 20.38 4.69
C LEU B 17 -4.15 21.77 4.12
N PRO B 18 -3.09 22.60 3.92
CA PRO B 18 -3.23 23.89 3.25
C PRO B 18 -3.97 23.83 1.89
N GLU B 19 -3.54 22.94 1.00
CA GLU B 19 -4.12 22.83 -0.35
C GLU B 19 -5.60 22.40 -0.26
N THR B 20 -5.93 21.59 0.75
CA THR B 20 -7.29 21.09 0.98
C THR B 20 -8.16 22.24 1.50
N ARG B 21 -7.61 22.99 2.46
CA ARG B 21 -8.31 24.09 3.12
C ARG B 21 -8.56 25.22 2.12
N ASN B 22 -7.59 25.41 1.23
CA ASN B 22 -7.63 26.40 0.17
C ASN B 22 -8.87 26.19 -0.70
N LEU B 23 -9.03 24.97 -1.21
CA LEU B 23 -10.16 24.61 -2.08
C LEU B 23 -11.49 24.75 -1.32
N LEU B 24 -11.50 24.46 -0.02
CA LEU B 24 -12.70 24.55 0.78
C LEU B 24 -13.15 26.02 0.90
N ASP B 25 -12.18 26.95 0.90
CA ASP B 25 -12.46 28.39 0.90
C ASP B 25 -13.22 28.77 -0.39
N LEU B 26 -12.74 28.27 -1.53
CA LEU B 26 -13.32 28.59 -2.85
C LEU B 26 -14.79 28.13 -2.90
N MET B 27 -15.03 26.88 -2.50
CA MET B 27 -16.39 26.30 -2.52
C MET B 27 -17.31 27.11 -1.60
N ASP B 28 -16.75 27.64 -0.49
CA ASP B 28 -17.48 28.46 0.47
C ASP B 28 -17.80 29.84 -0.13
N ALA B 29 -16.88 30.36 -0.96
CA ALA B 29 -17.09 31.65 -1.65
C ALA B 29 -18.29 31.54 -2.59
N ALA B 30 -18.21 30.54 -3.49
CA ALA B 30 -19.21 30.31 -4.54
C ALA B 30 -20.58 30.00 -3.90
N THR B 31 -20.60 29.20 -2.83
CA THR B 31 -21.85 28.82 -2.16
C THR B 31 -22.64 30.06 -1.74
N ARG B 32 -21.94 31.03 -1.14
CA ARG B 32 -22.58 32.20 -0.56
C ARG B 32 -22.53 33.40 -1.51
N GLY B 33 -22.44 33.15 -2.84
CA GLY B 33 -22.34 34.23 -3.83
C GLY B 33 -22.91 33.89 -5.20
N GLY B 34 -24.20 33.55 -5.27
CA GLY B 34 -24.93 33.40 -6.54
C GLY B 34 -25.19 31.94 -6.88
N ARG B 35 -24.14 31.11 -6.89
CA ARG B 35 -24.25 29.66 -7.09
C ARG B 35 -25.13 29.09 -5.97
N PRO B 36 -26.28 28.46 -6.29
CA PRO B 36 -27.24 28.04 -5.25
C PRO B 36 -26.83 26.79 -4.45
N GLY B 37 -26.14 25.85 -5.11
CA GLY B 37 -26.01 24.49 -4.61
C GLY B 37 -27.36 23.81 -4.75
N LEU B 38 -28.33 24.33 -3.99
CA LEU B 38 -29.81 24.21 -4.21
C LEU B 38 -30.27 22.76 -4.01
N ASP B 39 -29.38 21.79 -4.20
CA ASP B 39 -29.77 20.39 -4.19
C ASP B 39 -31.03 20.33 -5.03
N THR B 40 -30.89 20.83 -6.26
CA THR B 40 -31.92 20.82 -7.30
C THR B 40 -32.24 19.35 -7.61
N LEU B 41 -33.49 18.95 -7.33
CA LEU B 41 -33.96 17.58 -7.54
C LEU B 41 -34.09 17.26 -9.05
N PRO B 42 -34.13 18.23 -9.99
CA PRO B 42 -34.22 17.90 -11.40
C PRO B 42 -32.82 17.29 -11.55
N HIS B 43 -32.66 16.07 -11.04
CA HIS B 43 -31.36 15.40 -11.01
C HIS B 43 -30.81 15.45 -12.43
N ALA B 44 -31.71 15.35 -13.42
CA ALA B 44 -31.38 15.47 -14.83
C ALA B 44 -30.83 16.87 -15.17
N VAL B 45 -31.31 17.91 -14.50
CA VAL B 45 -30.84 19.29 -14.70
C VAL B 45 -29.50 19.47 -13.98
N GLY B 46 -29.50 19.20 -12.66
CA GLY B 46 -28.33 19.30 -11.80
C GLY B 46 -27.14 18.51 -12.33
N ARG B 47 -27.43 17.32 -12.87
CA ARG B 47 -26.44 16.41 -13.47
C ARG B 47 -25.54 17.20 -14.44
N LYS B 48 -26.16 17.93 -15.38
CA LYS B 48 -25.45 18.57 -16.48
C LYS B 48 -24.53 19.68 -15.95
N ALA B 49 -24.99 20.39 -14.91
CA ALA B 49 -24.23 21.48 -14.28
C ALA B 49 -23.00 20.93 -13.55
N VAL B 50 -23.22 19.94 -12.67
CA VAL B 50 -22.15 19.39 -11.82
C VAL B 50 -21.14 18.61 -12.67
N ASP B 51 -21.64 17.86 -13.66
CA ASP B 51 -20.77 17.04 -14.53
C ASP B 51 -19.70 17.94 -15.16
N LYS B 52 -20.08 19.16 -15.57
CA LYS B 52 -19.15 20.11 -16.19
C LYS B 52 -18.11 20.57 -15.18
N MET B 53 -18.54 20.79 -13.92
CA MET B 53 -17.64 21.19 -12.85
C MET B 53 -16.61 20.08 -12.60
N SER B 54 -17.09 18.83 -12.54
CA SER B 54 -16.23 17.67 -12.32
C SER B 54 -15.13 17.60 -13.38
N GLU B 55 -15.52 17.77 -14.66
CA GLU B 55 -14.58 17.73 -15.77
C GLU B 55 -13.45 18.73 -15.55
N ASP B 56 -13.81 19.95 -15.13
CA ASP B 56 -12.86 21.06 -14.89
C ASP B 56 -11.96 20.78 -13.68
N GLY B 57 -12.52 20.09 -12.67
CA GLY B 57 -11.80 19.73 -11.45
C GLY B 57 -10.61 18.82 -11.71
N GLU B 58 -10.69 18.01 -12.78
CA GLU B 58 -9.62 17.10 -13.16
C GLU B 58 -8.44 17.87 -13.77
N ALA B 59 -7.22 17.44 -13.43
CA ALA B 59 -5.98 17.96 -14.00
C ALA B 59 -5.96 17.68 -15.51
N ASP B 60 -5.17 18.46 -16.25
CA ASP B 60 -5.09 18.37 -17.71
C ASP B 60 -4.64 16.96 -18.12
N PRO B 61 -5.26 16.36 -19.17
CA PRO B 61 -5.07 14.93 -19.44
C PRO B 61 -3.71 14.57 -20.01
N PRO B 62 -3.01 13.55 -19.44
CA PRO B 62 -1.77 13.06 -20.03
C PRO B 62 -2.00 12.25 -21.31
N GLU B 63 -1.03 12.33 -22.23
CA GLU B 63 -1.05 11.57 -23.47
C GLU B 63 -1.02 10.07 -23.13
N VAL B 64 -1.72 9.26 -23.91
CA VAL B 64 -1.62 7.80 -23.87
C VAL B 64 -1.28 7.30 -25.28
N ALA B 65 -1.05 5.99 -25.40
CA ALA B 65 -0.68 5.35 -26.67
C ALA B 65 -1.88 5.34 -27.63
N GLU B 66 -3.07 5.09 -27.08
CA GLU B 66 -4.26 4.83 -27.87
C GLU B 66 -5.50 4.95 -26.96
N VAL B 67 -6.54 5.58 -27.48
CA VAL B 67 -7.86 5.63 -26.86
C VAL B 67 -8.87 5.03 -27.85
N ALA B 68 -9.84 4.28 -27.32
CA ALA B 68 -10.84 3.62 -28.14
C ALA B 68 -12.21 3.70 -27.47
N ASN B 69 -13.20 4.19 -28.21
CA ASN B 69 -14.57 4.21 -27.77
C ASN B 69 -15.33 3.08 -28.47
N GLY B 70 -16.20 2.43 -27.70
CA GLY B 70 -17.04 1.36 -28.20
C GLY B 70 -18.23 1.13 -27.28
N GLY B 71 -19.02 0.11 -27.61
CA GLY B 71 -20.16 -0.32 -26.81
C GLY B 71 -20.47 -1.80 -27.04
N PHE B 72 -21.37 -2.34 -26.21
CA PHE B 72 -21.84 -3.71 -26.35
C PHE B 72 -23.21 -3.87 -25.67
N ALA B 73 -23.79 -5.07 -25.82
CA ALA B 73 -25.12 -5.38 -25.30
C ALA B 73 -25.03 -5.69 -23.81
N GLY B 74 -25.80 -4.94 -23.01
CA GLY B 74 -25.92 -5.15 -21.57
C GLY B 74 -27.17 -5.95 -21.22
N PRO B 75 -27.58 -5.98 -19.93
CA PRO B 75 -28.82 -6.64 -19.54
C PRO B 75 -30.03 -6.04 -20.25
N ALA B 76 -30.10 -4.69 -20.26
CA ALA B 76 -31.30 -3.98 -20.68
C ALA B 76 -30.98 -2.88 -21.69
N SER B 77 -29.72 -2.77 -22.14
CA SER B 77 -29.29 -1.62 -22.94
C SER B 77 -27.89 -1.83 -23.50
N GLU B 78 -27.45 -0.88 -24.33
CA GLU B 78 -26.08 -0.81 -24.81
C GLU B 78 -25.22 -0.18 -23.71
N ILE B 79 -24.12 -0.84 -23.36
CA ILE B 79 -23.15 -0.31 -22.41
C ILE B 79 -21.99 0.29 -23.21
N ARG B 80 -21.84 1.63 -23.12
CA ARG B 80 -20.70 2.35 -23.72
C ARG B 80 -19.44 2.12 -22.87
N PHE B 81 -18.27 2.27 -23.49
CA PHE B 81 -16.99 2.13 -22.80
C PHE B 81 -15.88 2.86 -23.56
N ARG B 82 -14.78 3.14 -22.86
CA ARG B 82 -13.59 3.78 -23.43
C ARG B 82 -12.34 3.08 -22.89
N ARG B 83 -11.44 2.71 -23.80
CA ARG B 83 -10.19 2.01 -23.47
C ARG B 83 -8.98 2.94 -23.62
N TYR B 84 -8.10 2.90 -22.62
CA TYR B 84 -6.84 3.63 -22.64
C TYR B 84 -5.67 2.61 -22.61
N ARG B 85 -4.83 2.66 -23.65
CA ARG B 85 -3.63 1.84 -23.73
C ARG B 85 -2.45 2.69 -23.29
N PRO B 86 -1.64 2.23 -22.30
CA PRO B 86 -0.54 3.04 -21.77
C PRO B 86 0.65 3.20 -22.72
N LEU B 87 1.45 4.24 -22.48
CA LEU B 87 2.57 4.64 -23.36
C LEU B 87 3.69 3.60 -23.31
N GLY B 88 4.23 3.29 -24.49
CA GLY B 88 5.38 2.39 -24.66
C GLY B 88 5.12 0.98 -24.15
N GLU B 89 3.87 0.52 -24.30
CA GLU B 89 3.46 -0.84 -23.90
C GLU B 89 3.03 -1.62 -25.16
N ALA B 90 3.94 -2.45 -25.65
CA ALA B 90 3.89 -3.00 -27.01
C ALA B 90 3.09 -4.30 -27.08
N ALA B 91 2.92 -4.99 -25.94
CA ALA B 91 2.28 -6.32 -25.91
C ALA B 91 0.80 -6.20 -26.30
N GLY B 92 0.29 -7.26 -26.94
CA GLY B 92 -1.10 -7.33 -27.39
C GLY B 92 -2.07 -7.38 -26.23
N LEU B 93 -2.10 -8.53 -25.54
CA LEU B 93 -2.92 -8.68 -24.36
C LEU B 93 -2.18 -8.08 -23.16
N LEU B 94 -2.80 -7.08 -22.51
CA LEU B 94 -2.25 -6.44 -21.31
C LEU B 94 -3.08 -6.81 -20.09
N PRO B 95 -2.51 -6.75 -18.88
CA PRO B 95 -3.31 -6.83 -17.66
C PRO B 95 -4.17 -5.55 -17.59
N THR B 96 -5.45 -5.73 -17.22
CA THR B 96 -6.48 -4.74 -17.49
C THR B 96 -7.33 -4.48 -16.24
N LEU B 97 -7.58 -3.20 -15.96
CA LEU B 97 -8.46 -2.74 -14.91
C LEU B 97 -9.77 -2.24 -15.53
N ILE B 98 -10.90 -2.66 -14.94
CA ILE B 98 -12.23 -2.22 -15.35
C ILE B 98 -12.71 -1.19 -14.31
N TYR B 99 -12.87 0.07 -14.76
CA TYR B 99 -13.07 1.20 -13.87
C TYR B 99 -14.53 1.67 -13.93
N TYR B 100 -15.14 1.77 -12.74
CA TYR B 100 -16.49 2.29 -12.58
C TYR B 100 -16.41 3.69 -11.95
N HIS B 101 -16.89 4.70 -12.67
CA HIS B 101 -16.85 6.10 -12.20
C HIS B 101 -17.72 6.26 -10.94
N GLY B 102 -17.46 7.32 -10.18
CA GLY B 102 -18.21 7.67 -8.98
C GLY B 102 -19.32 8.66 -9.29
N GLY B 103 -20.13 8.99 -8.28
CA GLY B 103 -21.20 10.00 -8.42
C GLY B 103 -22.58 9.49 -8.02
N GLY B 104 -22.66 8.76 -6.90
CA GLY B 104 -23.93 8.36 -6.28
C GLY B 104 -24.90 7.67 -7.22
N PHE B 105 -24.38 6.84 -8.14
CA PHE B 105 -25.22 6.13 -9.10
C PHE B 105 -26.23 7.08 -9.75
N VAL B 106 -25.85 8.35 -9.95
CA VAL B 106 -26.79 9.38 -10.42
C VAL B 106 -26.08 10.33 -11.41
N ILE B 107 -24.89 10.80 -11.04
CA ILE B 107 -24.09 11.73 -11.85
C ILE B 107 -22.78 11.05 -12.25
N GLY B 108 -21.98 11.79 -13.03
CA GLY B 108 -20.72 11.34 -13.58
C GLY B 108 -20.93 10.68 -14.94
N ASN B 109 -19.81 10.45 -15.62
CA ASN B 109 -19.73 9.70 -16.87
C ASN B 109 -18.25 9.52 -17.21
N ILE B 110 -17.95 8.98 -18.39
CA ILE B 110 -16.58 8.63 -18.73
C ILE B 110 -15.69 9.89 -18.73
N GLU B 111 -16.27 11.04 -19.11
CA GLU B 111 -15.55 12.31 -19.30
C GLU B 111 -15.09 12.90 -17.97
N THR B 112 -15.90 12.73 -16.91
CA THR B 112 -15.63 13.29 -15.59
C THR B 112 -14.40 12.63 -14.95
N HIS B 113 -14.03 11.44 -15.45
CA HIS B 113 -12.93 10.64 -14.89
C HIS B 113 -11.93 10.23 -15.99
N ASP B 114 -11.86 11.00 -17.08
CA ASP B 114 -11.01 10.68 -18.24
C ASP B 114 -9.54 10.87 -17.86
N SER B 115 -9.19 12.07 -17.38
CA SER B 115 -7.81 12.42 -17.02
C SER B 115 -7.22 11.41 -16.03
N THR B 116 -8.06 10.95 -15.09
CA THR B 116 -7.64 10.06 -14.01
C THR B 116 -7.32 8.67 -14.58
N CYS B 117 -8.19 8.18 -15.47
CA CYS B 117 -8.00 6.86 -16.11
C CYS B 117 -6.71 6.85 -16.95
N ARG B 118 -6.47 7.96 -17.67
CA ARG B 118 -5.27 8.12 -18.48
C ARG B 118 -4.02 8.00 -17.60
N ARG B 119 -4.05 8.71 -16.47
CA ARG B 119 -2.92 8.78 -15.54
C ARG B 119 -2.73 7.41 -14.87
N LEU B 120 -3.83 6.70 -14.60
CA LEU B 120 -3.77 5.36 -13.98
C LEU B 120 -3.08 4.35 -14.90
N ALA B 121 -3.45 4.35 -16.18
CA ALA B 121 -2.95 3.39 -17.16
C ALA B 121 -1.44 3.60 -17.37
N ASN B 122 -1.03 4.85 -17.59
CA ASN B 122 0.38 5.21 -17.74
C ASN B 122 1.19 4.67 -16.54
N LYS B 123 0.81 5.08 -15.32
CA LYS B 123 1.56 4.76 -14.12
C LYS B 123 1.61 3.25 -13.89
N SER B 124 0.45 2.59 -14.01
CA SER B 124 0.31 1.16 -13.68
C SER B 124 0.95 0.27 -14.75
N ARG B 125 1.13 0.83 -15.96
CA ARG B 125 1.59 0.11 -17.17
C ARG B 125 0.57 -1.00 -17.51
N CYS B 126 -0.71 -0.68 -17.28
CA CYS B 126 -1.88 -1.57 -17.50
C CYS B 126 -2.90 -0.85 -18.39
N GLN B 127 -3.68 -1.63 -19.14
CA GLN B 127 -4.83 -1.12 -19.88
C GLN B 127 -5.95 -0.78 -18.89
N VAL B 128 -6.67 0.32 -19.15
CA VAL B 128 -7.85 0.72 -18.36
C VAL B 128 -9.08 0.77 -19.27
N ILE B 129 -10.21 0.24 -18.75
CA ILE B 129 -11.50 0.21 -19.46
C ILE B 129 -12.56 0.88 -18.58
N SER B 130 -12.79 2.18 -18.82
CA SER B 130 -13.87 2.93 -18.18
C SER B 130 -15.22 2.39 -18.70
N ILE B 131 -16.16 2.17 -17.79
CA ILE B 131 -17.52 1.69 -18.10
C ILE B 131 -18.51 2.83 -17.83
N ASP B 132 -19.49 2.97 -18.73
CA ASP B 132 -20.57 3.95 -18.63
C ASP B 132 -21.88 3.20 -18.36
N TYR B 133 -22.20 3.06 -17.07
CA TYR B 133 -23.30 2.23 -16.56
C TYR B 133 -24.55 3.10 -16.38
N ARG B 134 -25.72 2.46 -16.42
CA ARG B 134 -27.05 3.13 -16.32
C ARG B 134 -27.14 3.92 -15.02
N LEU B 135 -27.62 5.17 -15.12
CA LEU B 135 -27.73 6.08 -13.97
C LEU B 135 -29.19 6.24 -13.55
N ALA B 136 -29.36 6.65 -12.29
CA ALA B 136 -30.64 6.96 -11.68
C ALA B 136 -30.84 8.47 -11.70
N PRO B 137 -32.09 8.94 -11.56
CA PRO B 137 -33.26 8.14 -11.25
C PRO B 137 -33.85 7.37 -12.44
N GLU B 138 -33.51 7.80 -13.66
CA GLU B 138 -34.02 7.21 -14.90
C GLU B 138 -34.07 5.68 -14.79
N HIS B 139 -32.99 5.06 -14.27
CA HIS B 139 -32.91 3.62 -13.98
C HIS B 139 -32.42 3.40 -12.55
N PRO B 140 -33.31 3.09 -11.58
CA PRO B 140 -32.91 2.94 -10.18
C PRO B 140 -32.34 1.55 -9.83
N PHE B 141 -32.05 1.35 -8.54
CA PHE B 141 -31.57 0.08 -8.00
C PHE B 141 -32.49 -1.04 -8.49
N PRO B 142 -31.91 -2.15 -9.00
CA PRO B 142 -30.49 -2.42 -9.01
C PRO B 142 -29.83 -2.31 -10.40
N ALA B 143 -30.35 -1.42 -11.26
CA ALA B 143 -29.88 -1.29 -12.63
C ALA B 143 -28.37 -1.05 -12.66
N PRO B 144 -27.83 -0.01 -11.97
CA PRO B 144 -26.41 0.32 -12.09
C PRO B 144 -25.43 -0.84 -11.87
N ILE B 145 -25.57 -1.59 -10.77
CA ILE B 145 -24.62 -2.67 -10.42
C ILE B 145 -24.83 -3.87 -11.35
N ASP B 146 -26.03 -4.02 -11.92
CA ASP B 146 -26.32 -5.10 -12.87
C ASP B 146 -25.48 -4.91 -14.14
N ASP B 147 -25.34 -3.65 -14.57
CA ASP B 147 -24.47 -3.29 -15.70
C ASP B 147 -23.01 -3.46 -15.31
N GLY B 148 -22.66 -3.09 -14.08
CA GLY B 148 -21.32 -3.29 -13.52
C GLY B 148 -20.87 -4.74 -13.62
N ILE B 149 -21.79 -5.67 -13.30
CA ILE B 149 -21.49 -7.11 -13.27
C ILE B 149 -21.43 -7.66 -14.69
N ALA B 150 -22.34 -7.20 -15.56
CA ALA B 150 -22.43 -7.66 -16.94
C ALA B 150 -21.17 -7.25 -17.71
N ALA B 151 -20.67 -6.04 -17.43
CA ALA B 151 -19.49 -5.49 -18.08
C ALA B 151 -18.27 -6.36 -17.77
N PHE B 152 -18.14 -6.81 -16.52
CA PHE B 152 -17.00 -7.64 -16.10
C PHE B 152 -17.07 -9.00 -16.78
N ARG B 153 -18.25 -9.63 -16.69
CA ARG B 153 -18.50 -10.96 -17.25
C ARG B 153 -18.20 -10.94 -18.76
N HIS B 154 -18.67 -9.91 -19.45
CA HIS B 154 -18.48 -9.78 -20.88
C HIS B 154 -16.98 -9.66 -21.20
N ILE B 155 -16.29 -8.72 -20.54
CA ILE B 155 -14.88 -8.44 -20.81
C ILE B 155 -14.04 -9.68 -20.45
N ARG B 156 -14.44 -10.39 -19.39
CA ARG B 156 -13.78 -11.62 -18.98
C ARG B 156 -13.85 -12.65 -20.11
N ASP B 157 -15.07 -12.85 -20.64
CA ASP B 157 -15.37 -13.95 -21.56
C ASP B 157 -14.89 -13.63 -22.98
N ASN B 158 -14.66 -12.35 -23.29
CA ASN B 158 -14.14 -11.93 -24.59
C ASN B 158 -12.83 -11.17 -24.38
N ALA B 159 -11.96 -11.75 -23.55
CA ALA B 159 -10.74 -11.10 -23.06
C ALA B 159 -9.91 -10.59 -24.24
N GLU B 160 -9.63 -11.49 -25.19
CA GLU B 160 -8.70 -11.22 -26.25
C GLU B 160 -9.27 -10.18 -27.20
N SER B 161 -10.61 -10.14 -27.33
CA SER B 161 -11.32 -9.11 -28.09
C SER B 161 -11.02 -7.72 -27.53
N PHE B 162 -11.00 -7.61 -26.20
CA PHE B 162 -10.76 -6.37 -25.48
C PHE B 162 -9.26 -6.16 -25.25
N GLY B 163 -8.43 -6.97 -25.91
CA GLY B 163 -6.97 -6.89 -25.84
C GLY B 163 -6.48 -7.03 -24.42
N ALA B 164 -7.01 -8.03 -23.71
CA ALA B 164 -6.82 -8.18 -22.27
C ALA B 164 -6.38 -9.61 -21.92
N ASP B 165 -5.38 -9.70 -21.04
CA ASP B 165 -4.98 -10.94 -20.39
C ASP B 165 -6.10 -11.31 -19.41
N ALA B 166 -6.73 -12.47 -19.63
CA ALA B 166 -7.80 -12.96 -18.78
C ALA B 166 -7.24 -13.33 -17.40
N ALA B 167 -5.97 -13.77 -17.38
CA ALA B 167 -5.28 -14.21 -16.16
C ALA B 167 -5.12 -13.05 -15.15
N ARG B 168 -5.05 -11.82 -15.65
CA ARG B 168 -4.75 -10.64 -14.83
C ARG B 168 -5.77 -9.53 -15.15
N LEU B 169 -7.01 -9.80 -14.73
CA LEU B 169 -8.13 -8.93 -14.98
C LEU B 169 -8.70 -8.45 -13.62
N ALA B 170 -8.80 -7.14 -13.46
CA ALA B 170 -9.16 -6.49 -12.20
C ALA B 170 -10.36 -5.55 -12.37
N VAL B 171 -10.92 -5.11 -11.24
CA VAL B 171 -11.97 -4.09 -11.23
C VAL B 171 -11.63 -3.06 -10.14
N GLY B 172 -12.24 -1.88 -10.26
CA GLY B 172 -12.06 -0.83 -9.28
C GLY B 172 -12.92 0.39 -9.57
N GLY B 173 -12.98 1.29 -8.59
CA GLY B 173 -13.67 2.56 -8.76
C GLY B 173 -13.55 3.44 -7.52
N ASP B 174 -14.24 4.58 -7.57
CA ASP B 174 -14.34 5.48 -6.44
C ASP B 174 -15.81 5.70 -6.09
N SER B 175 -16.11 5.95 -4.80
CA SER B 175 -17.44 6.27 -4.32
C SER B 175 -18.40 5.12 -4.57
N ALA B 176 -19.52 5.43 -5.23
CA ALA B 176 -20.43 4.43 -5.76
C ALA B 176 -19.68 3.42 -6.65
N GLY B 177 -18.66 3.90 -7.36
CA GLY B 177 -17.81 3.08 -8.21
C GLY B 177 -17.05 2.03 -7.42
N GLY B 178 -16.47 2.44 -6.28
CA GLY B 178 -15.73 1.55 -5.39
C GLY B 178 -16.66 0.52 -4.77
N ALA B 179 -17.85 0.97 -4.40
CA ALA B 179 -18.93 0.10 -3.97
C ALA B 179 -19.22 -0.96 -5.03
N MET B 180 -19.44 -0.47 -6.27
CA MET B 180 -19.82 -1.31 -7.41
C MET B 180 -18.75 -2.36 -7.67
N ALA B 181 -17.48 -2.01 -7.45
CA ALA B 181 -16.35 -2.91 -7.66
C ALA B 181 -16.40 -4.06 -6.65
N ALA B 182 -16.57 -3.72 -5.37
CA ALA B 182 -16.54 -4.70 -4.26
C ALA B 182 -17.68 -5.72 -4.40
N VAL B 183 -18.80 -5.27 -4.97
CA VAL B 183 -20.00 -6.08 -5.17
C VAL B 183 -19.77 -7.10 -6.30
N VAL B 184 -19.13 -6.66 -7.38
CA VAL B 184 -18.85 -7.50 -8.55
C VAL B 184 -18.04 -8.72 -8.08
N CYS B 185 -17.11 -8.52 -7.14
CA CYS B 185 -16.24 -9.57 -6.63
C CYS B 185 -17.03 -10.58 -5.79
N GLN B 186 -17.92 -10.06 -4.93
CA GLN B 186 -18.77 -10.90 -4.08
C GLN B 186 -19.71 -11.71 -4.97
N ALA B 187 -20.45 -11.01 -5.84
CA ALA B 187 -21.39 -11.62 -6.78
C ALA B 187 -20.77 -12.83 -7.47
N CYS B 188 -19.53 -12.67 -7.97
CA CYS B 188 -18.81 -13.74 -8.69
C CYS B 188 -18.53 -14.95 -7.78
N ARG B 189 -18.11 -14.68 -6.55
CA ARG B 189 -17.81 -15.74 -5.60
C ARG B 189 -19.10 -16.47 -5.19
N ASP B 190 -20.19 -15.70 -5.04
CA ASP B 190 -21.52 -16.23 -4.66
C ASP B 190 -22.08 -17.13 -5.76
N ALA B 191 -21.84 -16.76 -7.02
CA ALA B 191 -22.32 -17.50 -8.19
C ALA B 191 -21.34 -18.63 -8.55
N GLY B 192 -20.29 -18.82 -7.73
CA GLY B 192 -19.24 -19.78 -7.97
C GLY B 192 -18.78 -19.78 -9.42
N GLU B 193 -18.37 -18.60 -9.91
CA GLU B 193 -17.71 -18.47 -11.21
C GLU B 193 -16.40 -17.69 -11.01
N THR B 194 -15.52 -17.72 -12.03
CA THR B 194 -14.24 -17.00 -12.01
C THR B 194 -14.52 -15.49 -11.93
N GLY B 195 -14.08 -14.89 -10.80
CA GLY B 195 -14.17 -13.46 -10.56
C GLY B 195 -12.84 -12.75 -10.78
N PRO B 196 -12.72 -11.45 -10.43
CA PRO B 196 -11.52 -10.67 -10.73
C PRO B 196 -10.28 -11.11 -9.94
N ALA B 197 -9.10 -10.72 -10.46
CA ALA B 197 -7.79 -11.09 -9.92
C ALA B 197 -7.36 -10.08 -8.85
N PHE B 198 -8.00 -8.90 -8.85
CA PHE B 198 -7.61 -7.75 -8.02
C PHE B 198 -8.78 -6.76 -7.94
N GLN B 199 -9.01 -6.18 -6.75
CA GLN B 199 -10.07 -5.15 -6.55
C GLN B 199 -9.45 -3.88 -5.95
N MET B 200 -9.55 -2.77 -6.69
CA MET B 200 -9.05 -1.46 -6.25
C MET B 200 -10.22 -0.61 -5.75
N LEU B 201 -10.34 -0.46 -4.44
CA LEU B 201 -11.46 0.21 -3.79
C LEU B 201 -11.03 1.58 -3.25
N ILE B 202 -11.46 2.66 -3.90
CA ILE B 202 -11.10 4.03 -3.52
C ILE B 202 -12.27 4.71 -2.80
N TYR B 203 -12.06 5.05 -1.53
CA TYR B 203 -13.06 5.70 -0.65
C TYR B 203 -14.46 5.17 -1.00
N PRO B 204 -14.66 3.84 -0.96
CA PRO B 204 -15.94 3.23 -1.33
C PRO B 204 -16.97 3.25 -0.21
N ALA B 205 -18.26 3.17 -0.59
CA ALA B 205 -19.38 3.08 0.34
C ALA B 205 -19.78 1.61 0.46
N THR B 206 -19.74 1.05 1.68
CA THR B 206 -19.86 -0.40 1.89
C THR B 206 -20.99 -0.76 2.87
N ASP B 207 -21.68 0.24 3.42
CA ASP B 207 -22.68 0.00 4.47
C ASP B 207 -23.78 1.07 4.41
N SER B 208 -24.99 0.63 4.06
CA SER B 208 -26.19 1.45 4.01
C SER B 208 -27.05 1.21 5.27
N SER B 209 -26.71 0.18 6.04
CA SER B 209 -27.60 -0.36 7.07
C SER B 209 -27.54 0.45 8.37
N ARG B 210 -26.49 1.26 8.55
CA ARG B 210 -26.29 2.00 9.81
C ARG B 210 -25.33 3.18 9.57
N GLU B 211 -25.12 3.99 10.61
CA GLU B 211 -24.27 5.18 10.55
C GLU B 211 -23.04 4.99 11.44
N SER B 212 -21.86 5.06 10.82
CA SER B 212 -20.57 5.00 11.53
C SER B 212 -20.34 6.33 12.26
N ALA B 213 -19.21 6.41 12.97
CA ALA B 213 -18.82 7.63 13.66
C ALA B 213 -18.53 8.75 12.66
N SER B 214 -17.79 8.41 11.60
CA SER B 214 -17.34 9.38 10.58
C SER B 214 -18.52 9.92 9.76
N ARG B 215 -19.54 9.09 9.54
CA ARG B 215 -20.75 9.49 8.79
C ARG B 215 -21.47 10.63 9.52
N VAL B 216 -21.33 10.67 10.84
CA VAL B 216 -21.93 11.68 11.71
C VAL B 216 -20.96 12.86 11.87
N ALA B 217 -19.68 12.56 12.12
CA ALA B 217 -18.68 13.56 12.45
C ALA B 217 -18.40 14.50 11.28
N PHE B 218 -18.61 14.03 10.04
CA PHE B 218 -18.32 14.82 8.82
C PHE B 218 -19.59 14.94 7.95
N ALA B 219 -20.75 14.93 8.61
CA ALA B 219 -22.04 15.03 7.96
C ALA B 219 -22.22 16.39 7.26
N GLU B 220 -21.46 17.40 7.68
CA GLU B 220 -21.58 18.77 7.15
C GLU B 220 -20.20 19.44 7.04
N GLY B 221 -19.93 20.08 5.89
CA GLY B 221 -18.88 21.09 5.75
C GLY B 221 -17.63 20.62 5.00
N TYR B 222 -17.59 19.34 4.63
CA TYR B 222 -16.37 18.77 3.99
C TYR B 222 -16.76 18.08 2.68
N PHE B 223 -17.00 18.90 1.65
CA PHE B 223 -17.43 18.41 0.34
C PHE B 223 -18.72 17.61 0.55
N LEU B 224 -18.69 16.33 0.17
CA LEU B 224 -19.79 15.40 0.35
C LEU B 224 -20.47 15.68 1.68
N SER B 225 -21.76 16.01 1.60
CA SER B 225 -22.54 16.48 2.76
C SER B 225 -23.64 15.45 2.92
N LYS B 226 -24.24 15.40 4.11
CA LYS B 226 -25.35 14.49 4.36
C LYS B 226 -26.54 14.87 3.48
N ALA B 227 -26.67 16.16 3.18
CA ALA B 227 -27.72 16.69 2.30
C ALA B 227 -27.58 16.09 0.89
N HIS B 228 -26.33 15.96 0.42
CA HIS B 228 -26.02 15.39 -0.90
C HIS B 228 -26.38 13.90 -0.92
N MET B 229 -26.00 13.16 0.12
CA MET B 229 -26.15 11.69 0.19
C MET B 229 -27.64 11.31 0.15
N ASP B 230 -28.49 12.14 0.76
CA ASP B 230 -29.95 11.96 0.77
C ASP B 230 -30.51 12.15 -0.65
N TRP B 231 -30.08 13.25 -1.28
CA TRP B 231 -30.44 13.63 -2.65
C TRP B 231 -30.17 12.46 -3.61
N PHE B 232 -29.00 11.83 -3.46
CA PHE B 232 -28.63 10.65 -4.22
C PHE B 232 -29.54 9.47 -3.85
N TRP B 233 -29.70 9.25 -2.55
CA TRP B 233 -30.40 8.09 -2.01
C TRP B 233 -31.86 8.04 -2.51
N GLU B 234 -32.52 9.19 -2.55
CA GLU B 234 -33.94 9.27 -2.91
C GLU B 234 -34.13 8.87 -4.38
N ALA B 235 -33.10 9.07 -5.20
CA ALA B 235 -33.13 8.75 -6.63
C ALA B 235 -32.81 7.28 -6.86
N TYR B 236 -31.74 6.78 -6.22
CA TYR B 236 -31.16 5.46 -6.48
C TYR B 236 -32.08 4.35 -5.97
N VAL B 237 -32.67 4.55 -4.78
CA VAL B 237 -33.27 3.47 -3.99
C VAL B 237 -34.79 3.60 -3.97
N PRO B 238 -35.52 2.59 -4.49
CA PRO B 238 -36.97 2.55 -4.34
C PRO B 238 -37.31 2.40 -2.84
N GLU B 239 -38.41 3.05 -2.42
CA GLU B 239 -38.84 3.04 -1.04
C GLU B 239 -39.19 1.60 -0.62
N ASP B 240 -38.89 1.29 0.64
CA ASP B 240 -39.00 -0.06 1.20
C ASP B 240 -38.18 -1.04 0.36
N THR B 241 -36.86 -0.85 0.39
CA THR B 241 -35.87 -1.83 -0.04
C THR B 241 -35.00 -2.20 1.17
N ASP B 242 -34.90 -3.50 1.43
CA ASP B 242 -34.16 -4.03 2.57
C ASP B 242 -32.72 -3.50 2.51
N LEU B 243 -32.32 -2.75 3.56
CA LEU B 243 -31.03 -2.05 3.59
C LEU B 243 -29.87 -3.03 3.84
N THR B 244 -30.19 -4.21 4.38
CA THR B 244 -29.19 -5.24 4.66
C THR B 244 -28.93 -6.10 3.42
N ASP B 245 -29.40 -5.66 2.25
CA ASP B 245 -29.02 -6.26 0.99
C ASP B 245 -27.53 -5.98 0.77
N LEU B 246 -26.81 -7.01 0.32
CA LEU B 246 -25.35 -6.99 0.21
C LEU B 246 -24.90 -6.15 -1.00
N ARG B 247 -25.81 -5.93 -1.96
CA ARG B 247 -25.57 -5.05 -3.09
C ARG B 247 -25.63 -3.58 -2.65
N LEU B 248 -26.28 -3.31 -1.52
CA LEU B 248 -26.28 -1.99 -0.88
C LEU B 248 -25.23 -1.94 0.22
N SER B 249 -24.94 -3.09 0.84
CA SER B 249 -24.14 -3.14 2.04
C SER B 249 -23.26 -4.39 2.04
N PRO B 250 -22.24 -4.46 1.16
CA PRO B 250 -21.39 -5.65 1.06
C PRO B 250 -20.53 -5.92 2.31
N LEU B 251 -20.50 -4.96 3.25
CA LEU B 251 -19.74 -5.10 4.47
C LEU B 251 -20.37 -6.18 5.38
N LEU B 252 -21.67 -6.41 5.21
CA LEU B 252 -22.45 -7.29 6.09
C LEU B 252 -22.37 -8.74 5.62
N ALA B 253 -21.47 -9.05 4.67
CA ALA B 253 -21.30 -10.41 4.20
C ALA B 253 -20.80 -11.31 5.34
N THR B 254 -21.32 -12.54 5.36
CA THR B 254 -20.96 -13.55 6.35
C THR B 254 -19.50 -13.97 6.14
N ASP B 255 -19.21 -14.40 4.91
CA ASP B 255 -17.94 -14.98 4.53
C ASP B 255 -17.17 -13.96 3.68
N PHE B 256 -15.87 -13.79 3.99
CA PHE B 256 -14.98 -12.91 3.24
C PHE B 256 -13.89 -13.72 2.52
N THR B 257 -13.83 -15.04 2.76
CA THR B 257 -12.83 -15.89 2.13
C THR B 257 -13.17 -16.08 0.66
N GLY B 258 -12.12 -16.27 -0.15
CA GLY B 258 -12.26 -16.53 -1.58
C GLY B 258 -12.49 -15.27 -2.40
N LEU B 259 -12.30 -14.09 -1.78
CA LEU B 259 -12.38 -12.82 -2.49
C LEU B 259 -10.97 -12.43 -2.94
N PRO B 260 -10.83 -11.69 -4.06
CA PRO B 260 -9.51 -11.39 -4.61
C PRO B 260 -8.70 -10.41 -3.74
N PRO B 261 -7.35 -10.38 -3.92
CA PRO B 261 -6.51 -9.37 -3.27
C PRO B 261 -7.00 -7.94 -3.53
N ALA B 262 -6.84 -7.06 -2.54
CA ALA B 262 -7.48 -5.74 -2.52
C ALA B 262 -6.48 -4.63 -2.26
N PHE B 263 -6.74 -3.47 -2.88
CA PHE B 263 -6.20 -2.18 -2.47
C PHE B 263 -7.37 -1.33 -1.97
N VAL B 264 -7.23 -0.75 -0.77
CA VAL B 264 -8.30 0.03 -0.17
C VAL B 264 -7.70 1.35 0.34
N LEU B 265 -8.31 2.46 -0.07
CA LEU B 265 -7.86 3.79 0.26
C LEU B 265 -9.02 4.55 0.92
N THR B 266 -8.72 5.25 2.01
CA THR B 266 -9.67 6.15 2.70
C THR B 266 -9.07 7.55 2.78
N ALA B 267 -9.94 8.55 2.98
CA ALA B 267 -9.57 9.94 3.20
C ALA B 267 -9.99 10.35 4.62
N GLY B 268 -9.22 11.26 5.21
CA GLY B 268 -9.36 11.66 6.63
C GLY B 268 -10.68 12.33 6.94
N TYR B 269 -11.17 13.17 6.03
CA TYR B 269 -12.39 13.97 6.24
C TYR B 269 -13.50 13.47 5.30
N ASP B 270 -13.79 12.17 5.42
CA ASP B 270 -14.72 11.46 4.59
C ASP B 270 -15.74 10.78 5.50
N PRO B 271 -17.05 11.01 5.29
CA PRO B 271 -18.08 10.20 5.94
C PRO B 271 -17.91 8.68 5.72
N LEU B 272 -17.40 8.29 4.54
CA LEU B 272 -17.23 6.88 4.16
C LEU B 272 -15.86 6.35 4.60
N ARG B 273 -15.31 6.90 5.68
CA ARG B 273 -13.97 6.55 6.11
C ARG B 273 -14.02 5.25 6.92
N ASP B 274 -14.88 5.23 7.94
CA ASP B 274 -14.86 4.16 8.95
C ASP B 274 -15.33 2.84 8.32
N GLU B 275 -16.35 2.89 7.47
CA GLU B 275 -16.88 1.67 6.83
C GLU B 275 -15.90 1.20 5.74
N GLY B 276 -15.07 2.10 5.24
CA GLY B 276 -13.98 1.78 4.29
C GLY B 276 -12.93 0.88 4.94
N ARG B 277 -12.37 1.34 6.06
CA ARG B 277 -11.33 0.62 6.82
C ARG B 277 -11.90 -0.67 7.42
N ALA B 278 -13.18 -0.63 7.82
CA ALA B 278 -13.90 -1.79 8.32
C ALA B 278 -13.83 -2.92 7.29
N TYR B 279 -14.20 -2.61 6.04
CA TYR B 279 -14.20 -3.58 4.94
C TYR B 279 -12.79 -4.15 4.75
N ALA B 280 -11.78 -3.27 4.79
CA ALA B 280 -10.37 -3.63 4.64
C ALA B 280 -9.99 -4.64 5.73
N ASP B 281 -10.44 -4.39 6.97
CA ASP B 281 -10.13 -5.24 8.13
C ASP B 281 -10.78 -6.63 7.97
N ARG B 282 -12.04 -6.66 7.52
CA ARG B 282 -12.76 -7.92 7.30
C ARG B 282 -11.94 -8.80 6.35
N LEU B 283 -11.29 -8.15 5.37
CA LEU B 283 -10.49 -8.82 4.33
C LEU B 283 -9.19 -9.40 4.92
N ILE B 284 -8.53 -8.65 5.80
CA ILE B 284 -7.24 -9.04 6.36
C ILE B 284 -7.43 -10.28 7.25
N GLU B 285 -8.52 -10.29 8.04
CA GLU B 285 -8.82 -11.37 8.98
C GLU B 285 -9.31 -12.61 8.22
N ALA B 286 -9.83 -12.43 7.01
CA ALA B 286 -10.26 -13.55 6.15
C ALA B 286 -9.08 -14.21 5.43
N GLY B 287 -7.87 -13.68 5.63
CA GLY B 287 -6.63 -14.27 5.10
C GLY B 287 -6.39 -13.90 3.64
N ILE B 288 -6.94 -12.76 3.22
CA ILE B 288 -6.79 -12.21 1.87
C ILE B 288 -5.61 -11.23 1.87
N LYS B 289 -4.87 -11.17 0.76
CA LYS B 289 -3.76 -10.21 0.60
C LYS B 289 -4.37 -8.82 0.35
N THR B 290 -4.11 -7.90 1.30
CA THR B 290 -4.76 -6.60 1.34
C THR B 290 -3.72 -5.49 1.57
N THR B 291 -3.99 -4.34 0.96
CA THR B 291 -3.26 -3.10 1.19
C THR B 291 -4.27 -2.04 1.61
N TYR B 292 -4.11 -1.51 2.83
CA TYR B 292 -4.91 -0.38 3.31
C TYR B 292 -4.03 0.88 3.32
N VAL B 293 -4.66 2.03 3.07
CA VAL B 293 -3.98 3.31 3.19
C VAL B 293 -4.99 4.40 3.56
N ASN B 294 -4.55 5.31 4.44
CA ASN B 294 -5.30 6.49 4.82
C ASN B 294 -4.52 7.73 4.37
N TYR B 295 -5.21 8.63 3.67
CA TYR B 295 -4.67 9.95 3.36
C TYR B 295 -5.32 10.95 4.31
N PRO B 296 -4.71 11.25 5.48
CA PRO B 296 -5.32 12.19 6.43
C PRO B 296 -5.22 13.61 5.84
N GLY B 297 -6.13 14.48 6.27
CA GLY B 297 -6.07 15.91 5.92
C GLY B 297 -6.40 16.18 4.46
N THR B 298 -7.19 15.31 3.85
CA THR B 298 -7.85 15.59 2.57
C THR B 298 -9.29 15.04 2.63
N ILE B 299 -10.07 15.39 1.61
CA ILE B 299 -11.52 15.23 1.62
C ILE B 299 -11.89 14.07 0.70
N HIS B 300 -13.16 13.67 0.75
CA HIS B 300 -13.72 12.75 -0.22
C HIS B 300 -13.68 13.42 -1.61
N GLY B 301 -13.27 12.69 -2.64
CA GLY B 301 -13.30 13.15 -4.03
C GLY B 301 -11.98 13.70 -4.54
N PHE B 302 -10.96 13.69 -3.68
CA PHE B 302 -9.64 14.24 -4.01
C PHE B 302 -8.94 13.42 -5.10
N PHE B 303 -9.40 12.19 -5.30
CA PHE B 303 -8.79 11.23 -6.25
C PHE B 303 -8.98 11.70 -7.70
N SER B 304 -9.89 12.66 -7.93
CA SER B 304 -10.12 13.17 -9.28
C SER B 304 -10.30 14.70 -9.30
N LEU B 305 -10.14 15.37 -8.16
CA LEU B 305 -10.03 16.84 -8.12
C LEU B 305 -8.54 17.21 -8.18
N THR B 306 -7.89 16.73 -9.23
CA THR B 306 -6.45 16.70 -9.32
C THR B 306 -5.95 18.01 -9.92
N ARG B 307 -6.86 18.95 -10.22
CA ARG B 307 -6.48 20.31 -10.61
C ARG B 307 -6.18 21.15 -9.36
N PHE B 308 -6.74 20.75 -8.21
CA PHE B 308 -6.68 21.53 -6.99
C PHE B 308 -5.86 20.83 -5.89
N LEU B 309 -5.83 19.49 -5.90
CA LEU B 309 -5.22 18.72 -4.81
C LEU B 309 -4.16 17.76 -5.36
N SER B 310 -2.89 18.07 -5.08
CA SER B 310 -1.76 17.24 -5.44
C SER B 310 -1.87 15.85 -4.83
N GLN B 311 -2.39 15.78 -3.60
CA GLN B 311 -2.55 14.52 -2.87
C GLN B 311 -3.26 13.51 -3.77
N GLY B 312 -4.27 14.01 -4.52
CA GLY B 312 -5.01 13.23 -5.50
C GLY B 312 -4.11 12.54 -6.52
N LEU B 313 -3.13 13.29 -7.03
CA LEU B 313 -2.20 12.78 -8.03
C LEU B 313 -1.26 11.76 -7.37
N LYS B 314 -0.86 12.02 -6.12
CA LYS B 314 -0.03 11.08 -5.37
C LYS B 314 -0.80 9.78 -5.16
N ALA B 315 -2.10 9.88 -4.84
CA ALA B 315 -2.98 8.73 -4.66
C ALA B 315 -3.16 7.97 -5.97
N ASN B 316 -3.43 8.71 -7.06
CA ASN B 316 -3.53 8.16 -8.42
C ASN B 316 -2.29 7.31 -8.71
N ASP B 317 -1.11 7.82 -8.34
CA ASP B 317 0.18 7.14 -8.57
C ASP B 317 0.32 5.91 -7.68
N GLU B 318 -0.04 6.04 -6.39
CA GLU B 318 0.14 4.97 -5.40
C GLU B 318 -0.73 3.76 -5.78
N ALA B 319 -2.00 4.01 -6.08
CA ALA B 319 -2.97 2.95 -6.43
C ALA B 319 -2.47 2.20 -7.67
N ALA B 320 -2.14 2.95 -8.72
CA ALA B 320 -1.61 2.44 -9.98
C ALA B 320 -0.40 1.54 -9.72
N ALA B 321 0.46 1.97 -8.80
CA ALA B 321 1.74 1.33 -8.50
C ALA B 321 1.54 -0.04 -7.84
N VAL B 322 0.58 -0.13 -6.91
CA VAL B 322 0.34 -1.34 -6.11
C VAL B 322 -0.26 -2.43 -7.00
N MET B 323 -1.18 -2.03 -7.90
CA MET B 323 -1.80 -2.93 -8.87
C MET B 323 -0.74 -3.42 -9.87
N GLY B 324 0.07 -2.48 -10.39
CA GLY B 324 1.19 -2.78 -11.26
C GLY B 324 2.12 -3.84 -10.68
N ALA B 325 2.54 -3.63 -9.42
CA ALA B 325 3.48 -4.52 -8.73
C ALA B 325 2.87 -5.91 -8.56
N HIS B 326 1.53 -5.96 -8.42
CA HIS B 326 0.79 -7.20 -8.22
C HIS B 326 0.86 -8.07 -9.48
N PHE B 327 0.62 -7.43 -10.64
CA PHE B 327 0.64 -8.09 -11.96
C PHE B 327 2.05 -8.11 -12.56
N GLY B 328 3.01 -7.47 -11.86
CA GLY B 328 4.43 -7.51 -12.22
C GLY B 328 4.72 -6.84 -13.56
N THR B 329 4.13 -5.65 -13.76
CA THR B 329 4.34 -4.86 -14.98
C THR B 329 5.55 -3.93 -14.78
C1 H7N C . 15.63 -10.32 18.30
P1 H7N C . 15.47 -10.39 12.11
C5 H7N C . 15.36 -11.95 11.15
O3 H7N C . 16.92 -10.18 12.21
C6 H7N C . 16.60 -12.83 11.15
C7 H7N C . 16.36 -14.11 10.33
O4 H7N C . 14.71 -10.75 13.34
C8 H7N C . 17.30 -15.22 10.81
C9 H7N C . 16.77 -16.57 10.26
C10 H7N C . 17.49 -17.78 10.89
C11 H7N C . 15.07 -10.01 14.49
C12 H7N C . 15.17 -10.82 15.79
C13 H7N C . 14.73 -10.08 17.07
C1 H7N D . 11.86 -26.37 9.89
P1 H7N D . 11.94 -23.18 14.45
C5 H7N D . 11.74 -24.96 15.03
O3 H7N D . 10.57 -22.61 14.22
C6 H7N D . 12.65 -26.11 14.53
C7 H7N D . 11.98 -27.27 13.73
O4 H7N D . 12.82 -23.39 13.22
C8 H7N D . 10.80 -27.96 14.47
C9 H7N D . 9.62 -28.28 13.50
C10 H7N D . 8.27 -28.13 14.23
C11 H7N D . 12.07 -23.81 12.06
C12 H7N D . 12.84 -24.10 10.75
C13 H7N D . 12.00 -24.84 9.68
C1 PEG E . -4.04 -13.55 9.05
O1 PEG E . -5.34 -14.06 9.35
C2 PEG E . -4.00 -12.04 9.32
O2 PEG E . -3.82 -11.73 10.72
C3 PEG E . -3.38 -10.38 10.93
C4 PEG E . -3.51 -10.00 12.39
O4 PEG E . -2.53 -9.01 12.75
C1 PEG F . 23.89 8.18 -17.21
O1 PEG F . 23.07 8.55 -18.32
C2 PEG F . 24.41 6.75 -17.38
O2 PEG F . 25.49 6.47 -16.49
C3 PEG F . 25.30 6.86 -15.12
C4 PEG F . 26.61 7.38 -14.54
O4 PEG F . 26.38 8.27 -13.44
C1 GOL G . 12.14 -10.26 22.72
O1 GOL G . 12.93 -10.73 21.63
C2 GOL G . 12.58 -10.89 24.04
O2 GOL G . 11.70 -10.45 25.08
C3 GOL G . 12.55 -12.42 24.02
O3 GOL G . 13.07 -12.97 22.80
C1 H7N H . -24.75 7.61 -2.13
P1 H7N H . -19.60 9.20 -4.35
C5 H7N H . -19.22 10.98 -4.44
O3 H7N H . -20.19 8.89 -5.66
C6 H7N H . -20.10 11.73 -5.44
C7 H7N H . -19.66 13.18 -5.62
O4 H7N H . -20.47 9.21 -3.16
C8 H7N H . -20.21 13.92 -4.40
C9 H7N H . -19.91 15.41 -4.53
C10 H7N H . -21.16 16.18 -4.99
C11 H7N H . -21.06 7.95 -2.98
C12 H7N H . -22.20 7.94 -1.97
C13 H7N H . -23.36 7.01 -2.36
C1 H7N I . -17.83 24.39 2.50
P1 H7N I . -21.67 20.01 2.61
C5 H7N I . -23.19 20.93 3.15
O3 H7N I . -20.86 19.58 3.82
C6 H7N I . -23.74 20.76 4.59
C7 H7N I . -25.13 21.38 4.82
O4 H7N I . -20.98 21.02 1.68
C8 H7N I . -26.18 20.25 4.96
C9 H7N I . -27.58 20.87 5.16
C10 H7N I . -27.97 20.84 6.65
C11 H7N I . -19.65 21.52 1.96
C12 H7N I . -19.25 22.75 1.11
C13 H7N I . -17.86 23.37 1.34
C1 PEG J . -10.76 4.47 10.93
O1 PEG J . -11.87 4.27 11.82
C2 PEG J . -10.34 5.93 10.79
O2 PEG J . -8.94 6.02 10.48
C3 PEG J . -8.44 7.36 10.42
C4 PEG J . -8.07 7.86 11.81
O4 PEG J . -7.77 9.25 11.79
#